data_7AH6
#
_entry.id   7AH6
#
_cell.length_a   85.811
_cell.length_b   91.723
_cell.length_c   127.310
_cell.angle_alpha   90.000
_cell.angle_beta   90.000
_cell.angle_gamma   90.000
#
_symmetry.space_group_name_H-M   'P 21 21 21'
#
loop_
_entity.id
_entity.type
_entity.pdbx_description
1 polymer 'Indoleamine 2,3-dioxygenase 1'
2 non-polymer 'PROTOPORPHYRIN IX CONTAINING FE'
3 non-polymer 4-bromanyl-2-(4~{H}-1,2,4-triazol-3-yl)aniline
4 non-polymer GLYCEROL
#
_entity_poly.entity_id   1
_entity_poly.type   'polypeptide(L)'
_entity_poly.pdbx_seq_one_letter_code
;MGSSHHHHHHSSGLVPRGSHMASAMENSWTISKEYHIDEEVGFALPNPQENLPDFYNDWMFIAKHLPDLIESGQLRERVE
KLNMLSIDHLTDHKSQRLARLVLGCITMAYVWGKGHGDVRKVLPRNIAVPYCQLSKKLELPPILVYADCVLANWKKKDPN
KPLTYENMDVLFSFRDGDCSKGFFLVSLLVEIAAASAIKVIPTVFKAMQMQERDTLLKALLEIASCLEKALQVFHQIHDH
VNPKAFFSVLRIYLSGWKGNPQLSDGLVYEGFWEDPKEFAGGSAGQSSVFQCFDVLLGIQQTAGGGHAAQFLQDMRRYMP
PAHRNFLCSLESNPSVREFVLSKGDAGLREAYDACVKALVSLRSYHLQIVTKYILIPASQQPKENKTSEDPSKLEAKGTG
GTDLMNFLKTVRSTTEKSLLKEG
;
_entity_poly.pdbx_strand_id   A,B
#
loop_
_chem_comp.id
_chem_comp.type
_chem_comp.name
_chem_comp.formula
GOL non-polymer GLYCEROL 'C3 H8 O3'
HEM non-polymer 'PROTOPORPHYRIN IX CONTAINING FE' 'C34 H32 Fe N4 O4'
RCW non-polymer 4-bromanyl-2-(4~{H}-1,2,4-triazol-3-yl)aniline 'C8 H7 Br N4'
#
# COMPACT_ATOMS: atom_id res chain seq x y z
N SER A 32 19.66 -12.32 1.72
CA SER A 32 18.38 -11.94 1.15
C SER A 32 18.58 -11.45 -0.27
N LYS A 33 17.48 -11.27 -1.01
CA LYS A 33 17.55 -10.72 -2.34
C LYS A 33 17.96 -9.25 -2.27
N GLU A 34 18.12 -8.63 -3.43
CA GLU A 34 18.62 -7.26 -3.45
C GLU A 34 17.47 -6.29 -3.24
N TYR A 35 17.05 -6.23 -1.99
CA TYR A 35 16.32 -5.13 -1.42
C TYR A 35 17.25 -4.02 -0.98
N HIS A 36 18.53 -4.16 -1.32
CA HIS A 36 19.58 -3.21 -0.93
C HIS A 36 19.64 -3.07 0.58
N ILE A 37 19.69 -4.20 1.26
CA ILE A 37 19.89 -4.24 2.71
C ILE A 37 21.35 -4.60 2.94
N ASP A 38 22.16 -3.59 3.24
CA ASP A 38 23.56 -3.82 3.56
C ASP A 38 23.69 -4.67 4.83
N GLU A 39 24.77 -5.43 4.92
CA GLU A 39 24.90 -6.41 5.99
C GLU A 39 25.08 -5.74 7.36
N GLU A 40 25.86 -4.66 7.44
CA GLU A 40 26.20 -4.04 8.71
C GLU A 40 25.32 -2.85 9.06
N VAL A 41 24.87 -2.08 8.08
CA VAL A 41 24.06 -0.88 8.31
C VAL A 41 22.62 -1.07 7.86
N GLY A 42 22.30 -2.20 7.25
CA GLY A 42 20.92 -2.54 6.94
C GLY A 42 20.27 -1.65 5.91
N PHE A 43 19.25 -0.90 6.33
CA PHE A 43 18.48 -0.08 5.40
C PHE A 43 19.14 1.26 5.12
N ALA A 44 19.98 1.75 6.03
CA ALA A 44 20.66 3.00 5.79
C ALA A 44 21.65 2.87 4.66
N LEU A 45 21.77 3.92 3.85
CA LEU A 45 22.69 3.93 2.73
C LEU A 45 24.12 3.75 3.23
N PRO A 46 24.85 2.72 2.76
CA PRO A 46 26.18 2.46 3.31
C PRO A 46 27.24 3.37 2.69
N ASN A 47 27.97 4.08 3.56
CA ASN A 47 28.98 5.06 3.15
C ASN A 47 28.38 6.03 2.14
N PRO A 48 27.43 6.86 2.55
CA PRO A 48 26.75 7.73 1.58
C PRO A 48 27.65 8.83 1.05
N GLN A 49 27.33 9.30 -0.14
CA GLN A 49 28.19 10.23 -0.85
C GLN A 49 28.08 11.62 -0.26
N GLU A 50 29.23 12.30 -0.13
CA GLU A 50 29.29 13.62 0.50
C GLU A 50 29.24 14.77 -0.49
N ASN A 51 29.96 14.69 -1.60
CA ASN A 51 30.06 15.78 -2.55
C ASN A 51 29.41 15.39 -3.88
N LEU A 52 28.62 16.30 -4.42
CA LEU A 52 28.05 16.16 -5.75
C LEU A 52 29.10 16.51 -6.80
N PRO A 53 28.82 16.28 -8.08
CA PRO A 53 29.71 16.81 -9.12
C PRO A 53 29.80 18.32 -9.06
N ASP A 54 30.92 18.86 -9.52
CA ASP A 54 31.14 20.29 -9.51
C ASP A 54 30.07 21.05 -10.30
N PHE A 55 29.38 20.37 -11.22
CA PHE A 55 28.28 21.01 -11.94
C PHE A 55 27.19 21.49 -11.00
N TYR A 56 27.05 20.86 -9.83
CA TYR A 56 26.03 21.21 -8.86
C TYR A 56 26.56 22.02 -7.68
N ASN A 57 27.72 22.67 -7.84
CA ASN A 57 28.33 23.39 -6.73
C ASN A 57 27.48 24.54 -6.22
N ASP A 58 26.49 25.00 -7.00
CA ASP A 58 25.61 26.06 -6.53
C ASP A 58 24.41 25.53 -5.76
N TRP A 59 24.01 24.28 -5.98
CA TRP A 59 23.11 23.61 -5.04
C TRP A 59 23.81 23.38 -3.71
N MET A 60 24.97 22.73 -3.75
CA MET A 60 25.66 22.29 -2.55
C MET A 60 26.05 23.46 -1.64
N PHE A 61 26.22 24.66 -2.19
CA PHE A 61 26.58 25.79 -1.34
C PHE A 61 25.41 26.25 -0.48
N ILE A 62 24.20 26.27 -1.04
CA ILE A 62 23.04 26.67 -0.27
C ILE A 62 22.71 25.62 0.79
N ALA A 63 22.85 24.34 0.44
CA ALA A 63 22.54 23.28 1.40
C ALA A 63 23.55 23.27 2.54
N LYS A 64 24.84 23.36 2.22
CA LYS A 64 25.88 23.33 3.24
C LYS A 64 25.91 24.56 4.12
N HIS A 65 25.11 25.59 3.81
CA HIS A 65 25.07 26.82 4.58
C HIS A 65 23.65 27.22 4.91
N LEU A 66 22.80 26.23 5.24
CA LEU A 66 21.41 26.52 5.54
C LEU A 66 21.22 27.43 6.76
N PRO A 67 21.91 27.20 7.90
CA PRO A 67 21.68 28.10 9.04
C PRO A 67 21.99 29.56 8.77
N ASP A 68 23.19 29.84 8.24
CA ASP A 68 23.61 31.23 8.07
C ASP A 68 22.75 31.95 7.06
N LEU A 69 22.36 31.27 5.97
CA LEU A 69 21.56 31.90 4.94
C LEU A 69 20.17 32.25 5.45
N ILE A 70 19.62 31.42 6.34
CA ILE A 70 18.26 31.64 6.83
C ILE A 70 18.22 32.80 7.81
N GLU A 71 19.11 32.81 8.79
CA GLU A 71 19.03 33.82 9.84
C GLU A 71 19.44 35.20 9.33
N SER A 72 20.25 35.27 8.28
CA SER A 72 20.58 36.55 7.68
C SER A 72 19.49 37.07 6.77
N GLY A 73 18.61 36.19 6.29
CA GLY A 73 17.52 36.57 5.44
C GLY A 73 17.79 36.54 3.94
N GLN A 74 18.69 35.69 3.48
CA GLN A 74 19.08 35.64 2.08
C GLN A 74 18.81 34.32 1.38
N LEU A 75 18.26 33.33 2.09
CA LEU A 75 18.10 32.00 1.49
C LEU A 75 17.14 32.03 0.32
N ARG A 76 15.90 32.48 0.56
CA ARG A 76 14.90 32.52 -0.50
C ARG A 76 15.40 33.29 -1.70
N GLU A 77 16.17 34.36 -1.47
CA GLU A 77 16.86 35.03 -2.56
C GLU A 77 17.81 34.09 -3.29
N ARG A 78 18.73 33.47 -2.54
CA ARG A 78 19.83 32.74 -3.16
C ARG A 78 19.35 31.52 -3.93
N VAL A 79 18.18 30.97 -3.57
CA VAL A 79 17.66 29.86 -4.36
C VAL A 79 16.96 30.37 -5.62
N GLU A 80 16.37 31.57 -5.56
CA GLU A 80 15.73 32.15 -6.73
C GLU A 80 16.76 32.59 -7.78
N LYS A 81 18.01 32.79 -7.39
CA LYS A 81 19.07 33.18 -8.28
C LYS A 81 19.84 31.99 -8.85
N LEU A 82 19.35 30.78 -8.66
CA LEU A 82 19.98 29.60 -9.23
C LEU A 82 19.59 29.45 -10.71
N ASN A 83 20.39 28.67 -11.42
CA ASN A 83 20.00 28.19 -12.74
C ASN A 83 19.35 26.82 -12.59
N MET A 84 18.52 26.46 -13.58
CA MET A 84 17.85 25.17 -13.55
C MET A 84 18.82 24.11 -14.04
N LEU A 85 19.55 23.51 -13.10
CA LEU A 85 20.49 22.46 -13.45
C LEU A 85 19.73 21.19 -13.82
N SER A 86 20.44 20.29 -14.52
CA SER A 86 19.84 19.07 -15.04
C SER A 86 20.27 17.87 -14.20
N ILE A 87 19.35 16.93 -14.01
CA ILE A 87 19.62 15.70 -13.30
C ILE A 87 20.61 14.83 -14.05
N ASP A 88 20.73 15.02 -15.37
CA ASP A 88 21.47 14.13 -16.25
C ASP A 88 22.93 13.98 -15.89
N HIS A 89 23.47 14.79 -14.97
CA HIS A 89 24.83 14.62 -14.49
C HIS A 89 24.89 13.86 -13.17
N LEU A 90 23.74 13.38 -12.68
CA LEU A 90 23.69 12.56 -11.48
C LEU A 90 23.74 11.09 -11.93
N THR A 91 24.94 10.51 -11.86
CA THR A 91 25.21 9.21 -12.46
C THR A 91 24.51 8.08 -11.72
N ASP A 92 24.98 7.77 -10.51
CA ASP A 92 24.62 6.55 -9.81
C ASP A 92 23.60 6.83 -8.70
N HIS A 93 23.28 5.78 -7.95
CA HIS A 93 22.29 5.88 -6.88
C HIS A 93 22.76 6.82 -5.78
N LYS A 94 23.97 6.60 -5.27
CA LYS A 94 24.48 7.40 -4.16
C LYS A 94 24.52 8.88 -4.50
N SER A 95 24.80 9.22 -5.75
CA SER A 95 24.87 10.63 -6.14
C SER A 95 23.49 11.28 -6.16
N GLN A 96 22.47 10.54 -6.61
CA GLN A 96 21.13 11.11 -6.71
C GLN A 96 20.39 11.09 -5.37
N ARG A 97 20.74 10.19 -4.46
CA ARG A 97 20.24 10.29 -3.09
C ARG A 97 20.80 11.55 -2.43
N LEU A 98 22.12 11.76 -2.54
CA LEU A 98 22.73 12.97 -1.99
C LEU A 98 22.11 14.22 -2.59
N ALA A 99 21.86 14.21 -3.90
CA ALA A 99 21.17 15.34 -4.53
C ALA A 99 19.74 15.45 -4.03
N ARG A 100 19.06 14.32 -3.83
CA ARG A 100 17.71 14.37 -3.29
C ARG A 100 17.71 14.88 -1.85
N LEU A 101 18.80 14.64 -1.12
CA LEU A 101 18.92 15.18 0.24
C LEU A 101 19.22 16.67 0.21
N VAL A 102 20.15 17.09 -0.67
CA VAL A 102 20.44 18.51 -0.81
C VAL A 102 19.20 19.28 -1.18
N LEU A 103 18.49 18.83 -2.22
CA LEU A 103 17.29 19.53 -2.66
C LEU A 103 16.19 19.48 -1.62
N GLY A 104 16.08 18.36 -0.89
CA GLY A 104 15.04 18.24 0.12
C GLY A 104 15.24 19.19 1.29
N CYS A 105 16.48 19.33 1.75
CA CYS A 105 16.77 20.26 2.85
C CYS A 105 16.58 21.70 2.39
N ILE A 106 17.02 22.03 1.19
CA ILE A 106 16.84 23.38 0.65
C ILE A 106 15.35 23.70 0.55
N THR A 107 14.53 22.70 0.22
CA THR A 107 13.09 22.93 0.09
C THR A 107 12.46 23.31 1.42
N MET A 108 12.75 22.54 2.47
CA MET A 108 12.24 22.90 3.80
C MET A 108 12.75 24.27 4.22
N ALA A 109 14.00 24.60 3.86
CA ALA A 109 14.53 25.92 4.16
C ALA A 109 13.74 27.01 3.47
N TYR A 110 13.41 26.80 2.19
CA TYR A 110 12.62 27.78 1.45
C TYR A 110 11.20 27.88 2.01
N VAL A 111 10.50 26.77 2.09
CA VAL A 111 9.08 26.78 2.44
C VAL A 111 8.89 27.36 3.84
N TRP A 112 9.68 26.89 4.80
CA TRP A 112 9.48 27.26 6.18
C TRP A 112 10.24 28.51 6.61
N GLY A 113 11.20 28.99 5.81
CA GLY A 113 11.84 30.26 6.12
C GLY A 113 12.62 30.18 7.41
N LYS A 114 12.54 31.27 8.18
CA LYS A 114 13.18 31.33 9.48
C LYS A 114 12.43 30.48 10.52
N GLY A 115 11.21 30.03 10.23
CA GLY A 115 10.54 29.00 11.01
C GLY A 115 9.53 29.48 12.05
N HIS A 116 9.01 30.72 11.91
CA HIS A 116 8.05 31.31 12.84
C HIS A 116 6.76 31.75 12.16
N GLY A 117 6.66 31.58 10.85
CA GLY A 117 5.37 31.84 10.19
C GLY A 117 5.37 32.34 8.77
N ASP A 118 6.38 33.15 8.42
CA ASP A 118 6.46 33.67 7.06
C ASP A 118 6.80 32.51 6.14
N VAL A 119 5.79 32.01 5.43
CA VAL A 119 5.87 30.81 4.60
C VAL A 119 5.64 31.19 3.14
N ARG A 120 6.28 30.44 2.25
CA ARG A 120 6.09 30.50 0.81
C ARG A 120 5.50 29.18 0.36
N LYS A 121 4.42 29.25 -0.42
CA LYS A 121 3.69 28.08 -0.88
C LYS A 121 3.97 27.76 -2.35
N VAL A 122 4.98 28.40 -2.93
CA VAL A 122 5.39 28.16 -4.32
C VAL A 122 6.89 27.88 -4.31
N LEU A 123 7.27 26.69 -4.78
CA LEU A 123 8.68 26.34 -4.89
C LEU A 123 9.20 26.75 -6.26
N PRO A 124 10.25 27.57 -6.34
CA PRO A 124 10.71 28.08 -7.64
C PRO A 124 10.98 26.98 -8.65
N ARG A 125 10.88 27.33 -9.94
CA ARG A 125 11.06 26.33 -10.98
C ARG A 125 12.48 25.79 -11.00
N ASN A 126 13.47 26.66 -10.80
CA ASN A 126 14.87 26.23 -10.85
C ASN A 126 15.21 25.25 -9.74
N ILE A 127 14.36 25.11 -8.72
CA ILE A 127 14.55 24.13 -7.67
C ILE A 127 13.50 23.03 -7.73
N ALA A 128 12.28 23.35 -8.16
CA ALA A 128 11.20 22.38 -8.07
C ALA A 128 11.19 21.40 -9.23
N VAL A 129 11.70 21.78 -10.39
CA VAL A 129 11.77 20.85 -11.52
C VAL A 129 12.80 19.78 -11.23
N PRO A 130 14.07 20.11 -10.97
CA PRO A 130 15.04 19.03 -10.72
C PRO A 130 14.68 18.15 -9.54
N TYR A 131 13.96 18.68 -8.55
CA TYR A 131 13.53 17.89 -7.42
C TYR A 131 12.55 16.81 -7.85
N CYS A 132 11.44 17.20 -8.48
CA CYS A 132 10.41 16.23 -8.84
C CYS A 132 10.89 15.25 -9.91
N GLN A 133 11.83 15.67 -10.76
CA GLN A 133 12.41 14.74 -11.73
C GLN A 133 13.24 13.69 -11.02
N LEU A 134 14.18 14.13 -10.18
CA LEU A 134 14.99 13.20 -9.41
C LEU A 134 14.14 12.32 -8.50
N SER A 135 13.11 12.91 -7.88
CA SER A 135 12.26 12.15 -6.97
C SER A 135 11.44 11.11 -7.72
N LYS A 136 10.94 11.46 -8.91
CA LYS A 136 10.20 10.50 -9.71
C LYS A 136 11.08 9.36 -10.19
N LYS A 137 12.37 9.64 -10.42
CA LYS A 137 13.30 8.58 -10.79
C LYS A 137 13.58 7.65 -9.63
N LEU A 138 13.52 8.16 -8.40
CA LEU A 138 13.74 7.36 -7.20
C LEU A 138 12.45 6.85 -6.58
N GLU A 139 11.31 7.14 -7.20
CA GLU A 139 9.99 6.66 -6.77
C GLU A 139 9.63 7.14 -5.37
N LEU A 140 10.18 8.29 -4.99
CA LEU A 140 9.89 8.96 -3.73
C LEU A 140 9.17 10.29 -4.00
N PRO A 141 8.33 10.73 -3.09
CA PRO A 141 7.67 12.04 -3.25
C PRO A 141 8.67 13.16 -3.16
N PRO A 142 8.32 14.36 -3.65
CA PRO A 142 9.23 15.52 -3.55
C PRO A 142 9.12 16.24 -2.22
N ILE A 143 9.65 15.61 -1.18
CA ILE A 143 9.71 16.20 0.16
C ILE A 143 10.76 15.43 0.94
N LEU A 144 11.32 16.08 1.96
CA LEU A 144 12.32 15.43 2.80
C LEU A 144 11.70 14.25 3.54
N VAL A 145 12.38 13.11 3.52
CA VAL A 145 11.89 11.91 4.17
C VAL A 145 13.01 11.28 5.00
N TYR A 146 12.61 10.36 5.88
CA TYR A 146 13.53 9.68 6.79
C TYR A 146 14.71 9.06 6.05
N ALA A 147 14.46 8.53 4.84
CA ALA A 147 15.54 7.95 4.05
C ALA A 147 16.55 9.00 3.60
N ASP A 148 16.15 10.27 3.58
CA ASP A 148 17.09 11.34 3.23
C ASP A 148 17.88 11.80 4.45
N CYS A 149 17.20 12.40 5.42
CA CYS A 149 17.85 13.05 6.54
C CYS A 149 18.42 12.08 7.56
N VAL A 150 18.18 10.77 7.43
CA VAL A 150 18.77 9.79 8.34
C VAL A 150 19.61 8.79 7.55
N LEU A 151 18.96 8.00 6.70
CA LEU A 151 19.63 6.90 6.03
C LEU A 151 20.71 7.36 5.06
N ALA A 152 20.63 8.59 4.55
CA ALA A 152 21.60 9.10 3.60
C ALA A 152 22.33 10.35 4.08
N ASN A 153 22.12 10.75 5.34
CA ASN A 153 22.64 12.01 5.85
C ASN A 153 23.66 11.78 6.95
N TRP A 154 24.65 10.91 6.69
CA TRP A 154 25.64 10.59 7.71
C TRP A 154 27.00 10.40 7.07
N LYS A 155 28.03 10.34 7.92
CA LYS A 155 29.41 10.24 7.46
C LYS A 155 30.27 9.70 8.60
N LYS A 156 31.12 8.73 8.27
CA LYS A 156 32.19 8.33 9.18
C LYS A 156 33.29 9.38 9.18
N LYS A 157 33.63 9.87 10.37
CA LYS A 157 34.75 10.80 10.48
C LYS A 157 36.07 10.08 10.28
N ASP A 158 36.26 8.96 10.98
CA ASP A 158 37.44 8.13 10.82
C ASP A 158 37.03 6.82 10.15
N PRO A 159 37.36 6.60 8.87
CA PRO A 159 36.84 5.44 8.15
C PRO A 159 37.27 4.09 8.71
N ASN A 160 38.08 4.08 9.76
CA ASN A 160 38.60 2.84 10.31
C ASN A 160 38.08 2.53 11.71
N LYS A 161 37.46 3.48 12.39
CA LYS A 161 36.83 3.27 13.70
C LYS A 161 35.36 2.91 13.50
N PRO A 162 34.73 2.23 14.49
CA PRO A 162 33.40 1.67 14.22
C PRO A 162 32.32 2.73 14.13
N LEU A 163 31.09 2.31 13.80
CA LEU A 163 29.97 3.25 13.64
C LEU A 163 29.48 3.67 15.03
N THR A 164 30.31 4.48 15.68
CA THR A 164 30.03 5.08 16.98
C THR A 164 29.58 6.52 16.78
N TYR A 165 28.89 7.06 17.80
CA TYR A 165 28.44 8.44 17.69
C TYR A 165 29.63 9.39 17.54
N GLU A 166 30.69 9.18 18.32
CA GLU A 166 31.82 10.09 18.30
C GLU A 166 32.67 9.97 17.05
N ASN A 167 32.44 8.94 16.22
CA ASN A 167 33.11 8.79 14.94
C ASN A 167 32.20 9.16 13.77
N MET A 168 31.04 9.74 14.03
CA MET A 168 30.08 9.99 12.98
C MET A 168 29.62 11.44 13.01
N ASP A 169 29.09 11.87 11.88
CA ASP A 169 28.64 13.25 11.71
C ASP A 169 27.47 13.27 10.73
N VAL A 170 26.84 14.43 10.66
CA VAL A 170 25.72 14.67 9.77
C VAL A 170 26.23 15.46 8.58
N LEU A 171 25.49 15.43 7.47
CA LEU A 171 25.86 16.21 6.29
C LEU A 171 25.18 17.56 6.21
N PHE A 172 23.94 17.71 6.69
CA PHE A 172 23.22 18.97 6.56
C PHE A 172 22.38 19.25 7.79
N SER A 173 22.30 20.53 8.14
CA SER A 173 21.47 21.02 9.23
C SER A 173 20.58 22.13 8.71
N PHE A 174 19.60 22.52 9.51
CA PHE A 174 18.73 23.65 9.18
C PHE A 174 19.16 24.92 9.91
N ARG A 175 19.32 24.85 11.22
CA ARG A 175 19.72 25.99 12.03
C ARG A 175 20.82 25.54 12.99
N ASP A 176 21.62 26.50 13.45
CA ASP A 176 22.54 26.19 14.54
C ASP A 176 21.77 25.96 15.81
N GLY A 177 22.18 24.95 16.57
CA GLY A 177 21.45 24.59 17.77
C GLY A 177 20.07 24.03 17.49
N ASP A 178 19.90 23.29 16.40
CA ASP A 178 18.67 22.56 16.14
C ASP A 178 18.78 21.08 16.49
N CYS A 179 19.92 20.66 17.02
CA CYS A 179 20.15 19.27 17.44
C CYS A 179 19.86 18.28 16.32
N SER A 180 20.01 18.73 15.07
CA SER A 180 19.80 17.84 13.94
C SER A 180 20.90 16.80 13.83
N LYS A 181 22.10 17.11 14.35
CA LYS A 181 23.15 16.09 14.40
C LYS A 181 22.76 14.97 15.35
N GLY A 182 22.31 15.33 16.56
CA GLY A 182 21.93 14.31 17.52
C GLY A 182 20.70 13.53 17.11
N PHE A 183 19.66 14.25 16.65
CA PHE A 183 18.41 13.59 16.31
C PHE A 183 18.60 12.58 15.18
N PHE A 184 19.28 13.00 14.10
CA PHE A 184 19.43 12.12 12.95
C PHE A 184 20.42 11.00 13.23
N LEU A 185 21.48 11.27 13.99
CA LEU A 185 22.50 10.25 14.22
C LEU A 185 22.04 9.19 15.22
N VAL A 186 21.34 9.60 16.28
CA VAL A 186 20.83 8.62 17.24
C VAL A 186 19.84 7.68 16.54
N SER A 187 18.94 8.24 15.73
CA SER A 187 18.02 7.41 14.97
C SER A 187 18.78 6.45 14.06
N LEU A 188 19.84 6.94 13.42
CA LEU A 188 20.65 6.07 12.57
C LEU A 188 21.28 4.95 13.39
N LEU A 189 21.76 5.26 14.59
CA LEU A 189 22.36 4.24 15.43
C LEU A 189 21.31 3.26 15.94
N VAL A 190 20.10 3.74 16.24
CA VAL A 190 19.02 2.84 16.60
C VAL A 190 18.66 1.94 15.43
N GLU A 191 18.56 2.51 14.23
CA GLU A 191 18.21 1.73 13.05
C GLU A 191 19.27 0.68 12.76
N ILE A 192 20.55 1.04 12.90
CA ILE A 192 21.63 0.06 12.72
C ILE A 192 21.50 -1.07 13.74
N ALA A 193 21.16 -0.71 14.99
CA ALA A 193 21.05 -1.73 16.04
C ALA A 193 19.93 -2.71 15.71
N ALA A 194 18.77 -2.21 15.34
CA ALA A 194 17.68 -3.10 14.93
C ALA A 194 17.99 -3.82 13.63
N ALA A 195 18.93 -3.29 12.83
CA ALA A 195 19.24 -3.91 11.55
C ALA A 195 19.94 -5.26 11.72
N SER A 196 20.69 -5.43 12.80
CA SER A 196 21.38 -6.70 13.03
C SER A 196 20.40 -7.86 13.20
N ALA A 197 19.14 -7.57 13.54
CA ALA A 197 18.13 -8.63 13.59
C ALA A 197 17.66 -9.01 12.20
N ILE A 198 17.79 -8.11 11.22
CA ILE A 198 17.28 -8.36 9.88
C ILE A 198 17.96 -9.56 9.25
N LYS A 199 19.25 -9.77 9.53
CA LYS A 199 19.94 -10.93 8.97
C LYS A 199 19.49 -12.24 9.59
N VAL A 200 18.72 -12.20 10.68
CA VAL A 200 18.23 -13.43 11.30
C VAL A 200 16.94 -13.90 10.66
N ILE A 201 16.18 -12.98 10.06
CA ILE A 201 14.87 -13.27 9.49
C ILE A 201 14.91 -14.43 8.50
N PRO A 202 15.90 -14.53 7.61
CA PRO A 202 15.96 -15.73 6.74
C PRO A 202 16.03 -17.03 7.51
N THR A 203 16.80 -17.07 8.61
CA THR A 203 16.85 -18.27 9.43
C THR A 203 15.46 -18.64 9.95
N VAL A 204 14.72 -17.63 10.43
CA VAL A 204 13.40 -17.85 11.01
C VAL A 204 12.49 -18.56 10.01
N PHE A 205 12.49 -18.09 8.77
CA PHE A 205 11.54 -18.63 7.80
C PHE A 205 11.94 -20.01 7.32
N LYS A 206 13.25 -20.28 7.19
CA LYS A 206 13.68 -21.62 6.83
C LYS A 206 13.44 -22.60 7.97
N ALA A 207 13.67 -22.15 9.20
CA ALA A 207 13.45 -23.01 10.36
C ALA A 207 12.01 -23.48 10.45
N MET A 208 11.06 -22.60 10.12
CA MET A 208 9.65 -23.01 10.08
C MET A 208 9.40 -23.97 8.93
N GLN A 209 9.93 -23.66 7.74
CA GLN A 209 9.72 -24.51 6.57
C GLN A 209 10.27 -25.90 6.81
N MET A 210 11.58 -26.02 7.04
CA MET A 210 12.18 -27.31 7.33
C MET A 210 11.82 -27.83 8.71
N GLN A 211 11.02 -27.07 9.46
CA GLN A 211 10.48 -27.49 10.75
C GLN A 211 11.59 -27.88 11.74
N GLU A 212 12.47 -26.92 12.01
CA GLU A 212 13.59 -27.09 12.93
C GLU A 212 13.32 -26.21 14.15
N ARG A 213 12.77 -26.82 15.20
CA ARG A 213 12.22 -26.06 16.32
C ARG A 213 13.32 -25.39 17.14
N ASP A 214 14.45 -26.06 17.34
CA ASP A 214 15.48 -25.52 18.21
C ASP A 214 16.13 -24.29 17.60
N THR A 215 16.37 -24.30 16.29
CA THR A 215 16.97 -23.13 15.64
C THR A 215 15.99 -21.97 15.60
N LEU A 216 14.71 -22.25 15.31
CA LEU A 216 13.70 -21.21 15.33
C LEU A 216 13.60 -20.55 16.69
N LEU A 217 13.86 -21.30 17.76
CA LEU A 217 13.82 -20.73 19.11
C LEU A 217 14.93 -19.71 19.30
N LYS A 218 16.19 -20.12 19.05
CA LYS A 218 17.30 -19.19 19.22
C LYS A 218 17.28 -18.10 18.16
N ALA A 219 16.78 -18.40 16.97
CA ALA A 219 16.60 -17.36 15.96
C ALA A 219 15.70 -16.25 16.49
N LEU A 220 14.54 -16.62 17.04
CA LEU A 220 13.68 -15.63 17.68
C LEU A 220 14.36 -14.99 18.88
N LEU A 221 15.10 -15.79 19.66
CA LEU A 221 15.78 -15.26 20.83
C LEU A 221 16.78 -14.17 20.45
N GLU A 222 17.46 -14.33 19.32
CA GLU A 222 18.46 -13.33 18.92
C GLU A 222 17.81 -12.10 18.31
N ILE A 223 16.68 -12.25 17.62
CA ILE A 223 15.97 -11.09 17.11
C ILE A 223 15.57 -10.18 18.26
N ALA A 224 15.08 -10.75 19.36
CA ALA A 224 14.78 -9.97 20.55
C ALA A 224 16.04 -9.39 21.17
N SER A 225 17.16 -10.09 21.05
CA SER A 225 18.43 -9.57 21.58
C SER A 225 18.81 -8.26 20.90
N CYS A 226 18.68 -8.20 19.58
CA CYS A 226 19.02 -6.98 18.86
C CYS A 226 18.03 -5.86 19.15
N LEU A 227 16.73 -6.19 19.24
CA LEU A 227 15.74 -5.19 19.60
C LEU A 227 15.94 -4.69 21.03
N GLU A 228 16.53 -5.52 21.90
CA GLU A 228 16.86 -5.04 23.24
C GLU A 228 18.06 -4.11 23.21
N LYS A 229 19.04 -4.41 22.36
CA LYS A 229 20.17 -3.51 22.17
C LYS A 229 19.74 -2.19 21.53
N ALA A 230 18.70 -2.23 20.71
CA ALA A 230 18.20 -1.00 20.09
C ALA A 230 17.65 -0.05 21.14
N LEU A 231 17.01 -0.58 22.19
CA LEU A 231 16.45 0.26 23.24
C LEU A 231 17.55 1.00 24.01
N GLN A 232 18.72 0.38 24.18
CA GLN A 232 19.77 1.01 24.97
C GLN A 232 20.45 2.13 24.18
N VAL A 233 20.63 1.94 22.87
CA VAL A 233 21.17 3.00 22.04
C VAL A 233 20.22 4.19 22.01
N PHE A 234 18.92 3.91 22.01
CA PHE A 234 17.91 4.97 22.06
C PHE A 234 18.09 5.88 23.25
N HIS A 235 18.61 5.35 24.37
CA HIS A 235 18.83 6.15 25.56
C HIS A 235 19.79 7.31 25.32
N GLN A 236 20.65 7.21 24.29
CA GLN A 236 21.62 8.26 24.00
C GLN A 236 20.98 9.57 23.55
N ILE A 237 19.68 9.58 23.26
CA ILE A 237 19.05 10.77 22.70
C ILE A 237 19.05 11.92 23.70
N HIS A 238 19.05 11.60 25.00
CA HIS A 238 19.06 12.66 26.00
C HIS A 238 20.36 13.45 25.97
N ASP A 239 21.45 12.82 25.52
CA ASP A 239 22.76 13.46 25.50
C ASP A 239 23.00 14.33 24.28
N HIS A 240 22.14 14.27 23.27
CA HIS A 240 22.37 14.97 22.02
C HIS A 240 21.19 15.74 21.49
N VAL A 241 20.02 15.69 22.14
CA VAL A 241 18.84 16.40 21.69
C VAL A 241 18.23 17.13 22.89
N ASN A 242 18.04 18.46 22.75
CA ASN A 242 17.49 19.34 23.78
C ASN A 242 16.01 19.59 23.51
N PRO A 243 15.15 19.53 24.54
CA PRO A 243 13.70 19.56 24.28
C PRO A 243 13.20 20.80 23.56
N LYS A 244 13.67 22.00 23.93
CA LYS A 244 13.14 23.20 23.29
C LYS A 244 13.68 23.36 21.88
N ALA A 245 14.96 23.04 21.66
CA ALA A 245 15.52 23.10 20.32
C ALA A 245 14.75 22.20 19.37
N PHE A 246 14.41 21.01 19.81
CA PHE A 246 13.71 20.11 18.95
C PHE A 246 12.37 20.60 18.67
N PHE A 247 11.66 20.94 19.68
CA PHE A 247 10.32 21.37 19.54
C PHE A 247 10.23 22.62 18.76
N SER A 248 10.81 23.67 19.20
CA SER A 248 10.62 24.97 18.57
C SER A 248 11.38 25.13 17.26
N VAL A 249 12.42 24.34 17.00
CA VAL A 249 13.25 24.54 15.81
C VAL A 249 13.18 23.33 14.89
N LEU A 250 13.71 22.19 15.35
CA LEU A 250 13.87 21.05 14.44
C LEU A 250 12.52 20.49 14.00
N ARG A 251 11.52 20.52 14.88
CA ARG A 251 10.19 20.04 14.50
C ARG A 251 9.64 20.82 13.30
N ILE A 252 9.83 22.14 13.29
CA ILE A 252 9.27 22.98 12.24
C ILE A 252 9.83 22.58 10.87
N TYR A 253 11.16 22.48 10.78
CA TYR A 253 11.80 22.24 9.49
C TYR A 253 11.61 20.81 9.00
N LEU A 254 11.03 19.93 9.81
CA LEU A 254 10.63 18.60 9.36
C LEU A 254 9.14 18.52 9.08
N SER A 255 8.39 19.60 9.30
CA SER A 255 6.97 19.62 8.98
C SER A 255 6.77 19.51 7.47
N GLY A 256 5.69 18.84 7.09
CA GLY A 256 5.27 18.75 5.71
C GLY A 256 4.15 19.70 5.38
N TRP A 257 3.45 19.41 4.28
CA TRP A 257 2.29 20.18 3.87
C TRP A 257 1.16 19.23 3.48
N LYS A 258 0.75 18.41 4.46
CA LYS A 258 -0.44 17.57 4.33
C LYS A 258 -1.27 17.74 5.59
N GLY A 259 -2.45 18.32 5.45
CA GLY A 259 -3.28 18.61 6.60
C GLY A 259 -2.81 19.77 7.45
N ASN A 260 -1.85 20.56 6.98
CA ASN A 260 -1.32 21.68 7.74
C ASN A 260 -2.05 22.95 7.33
N PRO A 261 -2.64 23.70 8.28
CA PRO A 261 -3.30 24.97 7.91
C PRO A 261 -2.41 25.95 7.16
N GLN A 262 -1.14 26.05 7.54
CA GLN A 262 -0.23 27.02 6.93
C GLN A 262 -0.07 26.82 5.43
N LEU A 263 -0.28 25.59 4.93
CA LEU A 263 -0.31 25.31 3.48
C LEU A 263 -1.50 24.35 3.27
N SER A 264 -2.71 24.91 3.31
CA SER A 264 -3.91 24.10 3.41
C SER A 264 -4.13 23.22 2.18
N ASP A 265 -3.73 23.70 1.00
CA ASP A 265 -3.87 22.93 -0.23
C ASP A 265 -2.54 22.37 -0.72
N GLY A 266 -1.48 22.49 0.09
CA GLY A 266 -0.20 21.93 -0.27
C GLY A 266 0.77 22.94 -0.85
N LEU A 267 1.71 22.46 -1.68
CA LEU A 267 2.77 23.28 -2.24
C LEU A 267 2.79 23.07 -3.75
N VAL A 268 2.72 24.17 -4.50
CA VAL A 268 2.85 24.06 -5.96
C VAL A 268 4.32 23.86 -6.30
N TYR A 269 4.57 22.94 -7.23
CA TYR A 269 5.93 22.67 -7.68
C TYR A 269 6.07 23.32 -9.05
N GLU A 270 6.33 24.62 -9.01
CA GLU A 270 6.35 25.45 -10.22
C GLU A 270 7.19 24.83 -11.31
N GLY A 271 6.59 24.70 -12.50
CA GLY A 271 7.26 24.08 -13.62
C GLY A 271 7.18 22.57 -13.66
N PHE A 272 6.41 21.95 -12.77
CA PHE A 272 6.27 20.50 -12.80
C PHE A 272 4.80 20.09 -12.63
N TRP A 273 4.11 20.70 -11.68
CA TRP A 273 2.69 20.45 -11.48
C TRP A 273 1.93 21.77 -11.50
N GLU A 274 0.67 21.69 -11.91
CA GLU A 274 -0.18 22.87 -12.06
C GLU A 274 -0.89 23.24 -10.76
N ASP A 275 -1.52 22.25 -10.12
CA ASP A 275 -2.16 22.48 -8.83
C ASP A 275 -1.23 22.06 -7.69
N PRO A 276 -1.38 22.65 -6.51
CA PRO A 276 -0.52 22.27 -5.38
C PRO A 276 -0.82 20.86 -4.89
N LYS A 277 0.24 20.14 -4.56
CA LYS A 277 0.17 18.78 -4.08
C LYS A 277 0.40 18.73 -2.56
N GLU A 278 -0.07 17.65 -1.94
CA GLU A 278 -0.03 17.49 -0.50
C GLU A 278 0.81 16.26 -0.14
N PHE A 279 1.93 16.48 0.54
CA PHE A 279 2.78 15.40 1.02
C PHE A 279 3.08 15.60 2.50
N ALA A 280 3.31 14.49 3.19
CA ALA A 280 3.46 14.50 4.64
C ALA A 280 4.91 14.75 5.05
N GLY A 281 5.07 15.27 6.26
CA GLY A 281 6.39 15.52 6.79
C GLY A 281 7.15 14.23 7.08
N GLY A 282 8.46 14.39 7.29
CA GLY A 282 9.29 13.25 7.60
C GLY A 282 8.94 12.64 8.93
N SER A 283 8.91 11.31 8.98
CA SER A 283 8.56 10.57 10.19
C SER A 283 9.36 9.29 10.25
N ALA A 284 9.58 8.79 11.47
CA ALA A 284 10.25 7.51 11.62
C ALA A 284 9.36 6.33 11.23
N GLY A 285 8.04 6.55 11.18
CA GLY A 285 7.15 5.60 10.52
C GLY A 285 7.49 5.34 9.06
N GLN A 286 8.35 6.16 8.46
CA GLN A 286 8.87 5.93 7.11
C GLN A 286 10.00 4.92 7.08
N SER A 287 10.51 4.49 8.22
CA SER A 287 11.55 3.49 8.24
C SER A 287 10.94 2.10 8.19
N SER A 288 11.65 1.20 7.51
CA SER A 288 11.13 -0.14 7.30
C SER A 288 11.43 -1.06 8.48
N VAL A 289 12.61 -0.93 9.10
CA VAL A 289 12.94 -1.78 10.25
C VAL A 289 11.90 -1.62 11.35
N PHE A 290 11.45 -0.38 11.59
CA PHE A 290 10.47 -0.16 12.62
C PHE A 290 9.09 -0.66 12.18
N GLN A 291 8.90 -0.89 10.88
CA GLN A 291 7.68 -1.49 10.39
C GLN A 291 7.82 -2.98 10.21
N CYS A 292 9.03 -3.45 9.90
CA CYS A 292 9.21 -4.83 9.47
C CYS A 292 9.11 -5.84 10.58
N PHE A 293 9.13 -5.42 11.84
CA PHE A 293 9.04 -6.38 12.92
C PHE A 293 7.61 -6.65 13.35
N ASP A 294 6.73 -5.67 13.25
CA ASP A 294 5.31 -5.95 13.38
C ASP A 294 4.87 -6.93 12.29
N VAL A 295 5.35 -6.71 11.07
CA VAL A 295 4.98 -7.59 9.96
C VAL A 295 5.50 -9.00 10.20
N LEU A 296 6.74 -9.12 10.65
CA LEU A 296 7.33 -10.43 10.89
C LEU A 296 6.59 -11.16 12.01
N LEU A 297 6.39 -10.50 13.14
CA LEU A 297 5.77 -11.11 14.30
C LEU A 297 4.25 -11.21 14.20
N GLY A 298 3.69 -10.94 13.03
CA GLY A 298 2.25 -11.00 12.88
C GLY A 298 1.49 -9.88 13.57
N ILE A 299 2.19 -8.89 14.10
CA ILE A 299 1.55 -7.73 14.70
C ILE A 299 1.01 -6.86 13.55
N GLN A 300 -0.31 -6.77 13.45
CA GLN A 300 -0.95 -6.17 12.28
C GLN A 300 -1.26 -4.69 12.54
N GLN A 301 -0.19 -3.89 12.53
CA GLN A 301 -0.36 -2.45 12.68
C GLN A 301 -1.08 -1.84 11.49
N THR A 302 -0.87 -2.38 10.29
CA THR A 302 -1.52 -1.86 9.09
C THR A 302 -2.93 -2.39 8.89
N ALA A 303 -3.30 -3.48 9.55
CA ALA A 303 -4.61 -4.07 9.33
C ALA A 303 -5.69 -3.19 9.92
N GLY A 304 -6.84 -3.15 9.23
CA GLY A 304 -7.96 -2.34 9.65
C GLY A 304 -8.06 -1.05 8.87
N GLY A 305 -9.05 -0.24 9.27
CA GLY A 305 -9.27 1.03 8.62
C GLY A 305 -9.00 2.19 9.55
N GLY A 306 -8.49 1.88 10.74
CA GLY A 306 -8.22 2.89 11.72
C GLY A 306 -7.14 3.86 11.26
N HIS A 307 -7.08 4.99 11.98
CA HIS A 307 -6.15 6.05 11.63
C HIS A 307 -4.71 5.60 11.79
N ALA A 308 -4.42 4.85 12.86
CA ALA A 308 -3.07 4.34 13.08
C ALA A 308 -2.64 3.43 11.95
N ALA A 309 -3.54 2.53 11.52
CA ALA A 309 -3.22 1.58 10.47
C ALA A 309 -2.95 2.30 9.15
N GLN A 310 -3.82 3.23 8.78
CA GLN A 310 -3.69 3.90 7.49
C GLN A 310 -2.45 4.81 7.44
N PHE A 311 -2.11 5.44 8.57
CA PHE A 311 -0.92 6.29 8.60
C PHE A 311 0.34 5.49 8.33
N LEU A 312 0.52 4.39 9.06
CA LEU A 312 1.71 3.56 8.84
C LEU A 312 1.68 2.90 7.48
N GLN A 313 0.50 2.69 6.90
CA GLN A 313 0.43 2.23 5.52
C GLN A 313 0.84 3.33 4.56
N ASP A 314 0.42 4.56 4.85
CA ASP A 314 0.76 5.69 4.00
C ASP A 314 2.26 5.90 3.96
N MET A 315 2.92 5.83 5.12
CA MET A 315 4.36 6.10 5.20
C MET A 315 5.19 5.09 4.43
N ARG A 316 4.62 3.94 4.08
CA ARG A 316 5.33 2.99 3.24
C ARG A 316 5.65 3.60 1.88
N ARG A 317 4.81 4.51 1.40
CA ARG A 317 5.04 5.17 0.13
C ARG A 317 6.11 6.26 0.22
N TYR A 318 6.53 6.64 1.42
CA TYR A 318 7.66 7.54 1.61
C TYR A 318 8.95 6.77 1.88
N MET A 319 8.95 5.45 1.64
CA MET A 319 10.17 4.65 1.73
C MET A 319 10.71 4.39 0.33
N PRO A 320 12.02 4.18 0.22
CA PRO A 320 12.59 3.75 -1.06
C PRO A 320 11.86 2.54 -1.60
N PRO A 321 11.74 2.42 -2.93
CA PRO A 321 10.94 1.31 -3.50
C PRO A 321 11.44 -0.06 -3.06
N ALA A 322 12.75 -0.26 -3.01
CA ALA A 322 13.28 -1.55 -2.57
C ALA A 322 12.86 -1.86 -1.14
N HIS A 323 12.67 -0.83 -0.31
CA HIS A 323 12.32 -1.04 1.08
C HIS A 323 10.85 -1.39 1.24
N ARG A 324 9.96 -0.65 0.57
CA ARG A 324 8.54 -0.93 0.65
C ARG A 324 8.20 -2.27 0.00
N ASN A 325 9.05 -2.76 -0.90
CA ASN A 325 8.90 -4.13 -1.41
C ASN A 325 9.33 -5.17 -0.37
N PHE A 326 10.32 -4.83 0.46
CA PHE A 326 10.75 -5.77 1.49
C PHE A 326 9.65 -6.04 2.49
N LEU A 327 8.89 -5.01 2.85
CA LEU A 327 7.77 -5.19 3.77
C LEU A 327 6.71 -6.11 3.16
N CYS A 328 6.30 -5.83 1.92
CA CYS A 328 5.23 -6.60 1.30
C CYS A 328 5.63 -8.03 1.01
N SER A 329 6.93 -8.32 0.84
CA SER A 329 7.35 -9.70 0.65
C SER A 329 7.49 -10.45 1.96
N LEU A 330 7.61 -9.74 3.09
CA LEU A 330 7.46 -10.39 4.39
C LEU A 330 6.02 -10.81 4.61
N GLU A 331 5.06 -9.94 4.26
CA GLU A 331 3.65 -10.30 4.33
C GLU A 331 3.31 -11.46 3.42
N SER A 332 4.14 -11.73 2.42
CA SER A 332 3.90 -12.85 1.50
C SER A 332 4.18 -14.19 2.16
N ASN A 333 5.06 -14.21 3.16
CA ASN A 333 5.47 -15.45 3.82
C ASN A 333 4.37 -15.96 4.74
N PRO A 334 4.50 -17.19 5.24
CA PRO A 334 3.55 -17.68 6.24
C PRO A 334 3.77 -17.06 7.60
N SER A 335 2.65 -16.86 8.31
CA SER A 335 2.69 -16.21 9.61
C SER A 335 3.55 -16.99 10.60
N VAL A 336 4.51 -16.31 11.21
CA VAL A 336 5.28 -16.94 12.28
C VAL A 336 4.49 -16.92 13.58
N ARG A 337 3.60 -15.93 13.76
CA ARG A 337 2.76 -15.89 14.95
C ARG A 337 1.86 -17.11 15.05
N GLU A 338 1.36 -17.60 13.90
CA GLU A 338 0.51 -18.78 13.93
C GLU A 338 1.32 -20.04 14.15
N PHE A 339 2.47 -20.17 13.47
CA PHE A 339 3.34 -21.32 13.67
C PHE A 339 3.70 -21.48 15.14
N VAL A 340 3.92 -20.37 15.84
CA VAL A 340 4.25 -20.46 17.26
C VAL A 340 3.00 -20.79 18.08
N LEU A 341 1.84 -20.22 17.70
CA LEU A 341 0.59 -20.59 18.34
C LEU A 341 0.29 -22.08 18.16
N SER A 342 0.46 -22.57 16.93
CA SER A 342 0.04 -23.90 16.51
C SER A 342 0.79 -25.04 17.20
N LYS A 343 1.81 -24.76 18.03
CA LYS A 343 2.71 -25.82 18.46
C LYS A 343 2.72 -26.11 19.96
N GLY A 344 1.99 -25.35 20.78
CA GLY A 344 1.93 -25.64 22.21
C GLY A 344 3.29 -25.79 22.86
N ASP A 345 4.27 -25.00 22.41
CA ASP A 345 5.64 -25.09 22.87
C ASP A 345 5.92 -23.90 23.78
N ALA A 346 6.22 -24.18 25.05
CA ALA A 346 6.41 -23.11 26.02
C ALA A 346 7.67 -22.30 25.71
N GLY A 347 8.79 -22.99 25.48
CA GLY A 347 10.02 -22.29 25.16
C GLY A 347 9.95 -21.53 23.85
N LEU A 348 9.09 -21.97 22.93
CA LEU A 348 8.92 -21.29 21.66
C LEU A 348 8.02 -20.07 21.81
N ARG A 349 6.98 -20.17 22.65
CA ARG A 349 6.10 -19.04 22.86
C ARG A 349 6.78 -17.94 23.68
N GLU A 350 7.61 -18.32 24.64
CA GLU A 350 8.36 -17.31 25.39
C GLU A 350 9.40 -16.63 24.50
N ALA A 351 10.02 -17.39 23.60
CA ALA A 351 10.99 -16.80 22.68
C ALA A 351 10.32 -15.82 21.74
N TYR A 352 9.17 -16.21 21.18
CA TYR A 352 8.38 -15.28 20.38
C TYR A 352 7.97 -14.07 21.20
N ASP A 353 7.53 -14.28 22.44
CA ASP A 353 7.11 -13.17 23.29
C ASP A 353 8.27 -12.24 23.61
N ALA A 354 9.49 -12.76 23.67
CA ALA A 354 10.66 -11.91 23.87
C ALA A 354 10.76 -10.87 22.75
N CYS A 355 10.55 -11.31 21.50
CA CYS A 355 10.54 -10.37 20.39
C CYS A 355 9.44 -9.32 20.56
N VAL A 356 8.27 -9.78 20.90
CA VAL A 356 7.16 -8.91 21.05
C VAL A 356 7.33 -7.94 22.16
N LYS A 357 7.84 -8.36 23.28
CA LYS A 357 8.04 -7.45 24.37
C LYS A 357 9.02 -6.38 24.04
N ALA A 358 10.07 -6.71 23.34
CA ALA A 358 11.06 -5.78 22.95
C ALA A 358 10.44 -4.68 22.19
N LEU A 359 9.46 -4.95 21.37
CA LEU A 359 8.77 -3.88 20.66
C LEU A 359 7.95 -3.03 21.62
N VAL A 360 7.29 -3.66 22.59
CA VAL A 360 6.54 -2.90 23.60
C VAL A 360 7.49 -2.03 24.41
N SER A 361 8.64 -2.58 24.81
CA SER A 361 9.61 -1.82 25.59
C SER A 361 10.14 -0.63 24.80
N LEU A 362 10.43 -0.83 23.51
CA LEU A 362 10.83 0.28 22.66
C LEU A 362 9.73 1.33 22.58
N ARG A 363 8.50 0.89 22.29
CA ARG A 363 7.39 1.83 22.14
C ARG A 363 7.01 2.48 23.45
N SER A 364 7.21 1.79 24.57
CA SER A 364 6.89 2.38 25.88
C SER A 364 7.90 3.46 26.25
N TYR A 365 9.20 3.14 26.16
CA TYR A 365 10.22 4.15 26.39
C TYR A 365 10.10 5.29 25.41
N HIS A 366 9.56 5.01 24.22
CA HIS A 366 9.38 6.06 23.21
C HIS A 366 8.32 7.06 23.65
N LEU A 367 7.22 6.59 24.25
CA LEU A 367 6.21 7.51 24.79
C LEU A 367 6.80 8.41 25.86
N GLN A 368 7.63 7.85 26.74
CA GLN A 368 8.38 8.67 27.70
C GLN A 368 9.08 9.82 27.00
N ILE A 369 9.62 9.57 25.81
CA ILE A 369 10.50 10.54 25.17
C ILE A 369 9.70 11.58 24.39
N VAL A 370 8.57 11.21 23.79
CA VAL A 370 7.72 12.21 23.18
C VAL A 370 7.05 13.08 24.24
N THR A 371 6.91 12.57 25.47
CA THR A 371 6.43 13.41 26.57
C THR A 371 7.47 14.47 26.91
N LYS A 372 8.75 14.08 26.97
CA LYS A 372 9.82 15.03 27.27
C LYS A 372 10.01 16.04 26.14
N TYR A 373 9.97 15.57 24.89
CA TYR A 373 10.41 16.37 23.75
C TYR A 373 9.27 17.04 23.00
N ILE A 374 8.01 16.78 23.36
CA ILE A 374 6.90 17.45 22.67
C ILE A 374 5.86 17.93 23.68
N LEU A 375 5.36 17.03 24.53
CA LEU A 375 4.26 17.37 25.42
C LEU A 375 4.64 18.48 26.39
N ILE A 376 5.73 18.28 27.13
CA ILE A 376 6.14 19.28 28.12
C ILE A 376 6.45 20.63 27.48
N PRO A 377 7.27 20.73 26.44
CA PRO A 377 7.48 22.05 25.82
C PRO A 377 6.22 22.66 25.23
N ALA A 378 5.24 21.83 24.82
CA ALA A 378 4.01 22.36 24.26
C ALA A 378 3.21 23.17 25.28
N SER A 379 3.49 23.00 26.57
CA SER A 379 2.78 23.71 27.64
C SER A 379 3.60 24.84 28.24
N GLN A 380 4.85 25.02 27.83
CA GLN A 380 5.72 26.06 28.37
C GLN A 380 5.80 27.28 27.47
N GLN A 381 4.82 27.46 26.58
CA GLN A 381 4.78 28.62 25.70
C GLN A 381 4.01 29.77 26.37
N GLY A 401 -2.19 17.14 19.28
CA GLY A 401 -1.57 17.16 20.59
C GLY A 401 -1.88 15.91 21.39
N THR A 402 -3.17 15.64 21.57
CA THR A 402 -3.60 14.40 22.22
C THR A 402 -3.76 13.27 21.22
N ASP A 403 -4.17 13.58 19.98
CA ASP A 403 -4.28 12.56 18.95
C ASP A 403 -2.94 11.89 18.69
N LEU A 404 -1.85 12.67 18.82
CA LEU A 404 -0.51 12.10 18.78
C LEU A 404 -0.35 10.99 19.79
N MET A 405 -0.67 11.29 21.05
CA MET A 405 -0.58 10.31 22.12
C MET A 405 -1.43 9.08 21.81
N ASN A 406 -2.71 9.28 21.49
CA ASN A 406 -3.60 8.15 21.24
C ASN A 406 -3.12 7.31 20.07
N PHE A 407 -2.47 7.92 19.07
CA PHE A 407 -1.86 7.14 18.00
C PHE A 407 -0.78 6.22 18.54
N LEU A 408 0.17 6.78 19.30
CA LEU A 408 1.27 5.98 19.83
C LEU A 408 0.76 4.90 20.78
N LYS A 409 -0.16 5.25 21.68
CA LYS A 409 -0.71 4.27 22.59
C LYS A 409 -1.52 3.20 21.87
N THR A 410 -1.98 3.48 20.64
CA THR A 410 -2.68 2.46 19.86
C THR A 410 -1.69 1.53 19.18
N VAL A 411 -0.62 2.07 18.60
CA VAL A 411 0.48 1.24 18.12
C VAL A 411 1.03 0.39 19.25
N ARG A 412 1.19 1.01 20.44
CA ARG A 412 1.67 0.28 21.59
C ARG A 412 0.68 -0.80 22.02
N SER A 413 -0.59 -0.43 22.18
CA SER A 413 -1.62 -1.37 22.58
C SER A 413 -1.64 -2.59 21.66
N THR A 414 -1.65 -2.36 20.35
CA THR A 414 -1.65 -3.47 19.39
C THR A 414 -0.45 -4.39 19.62
N THR A 415 0.70 -3.83 19.99
CA THR A 415 1.88 -4.66 20.20
C THR A 415 1.75 -5.49 21.48
N GLU A 416 1.29 -4.86 22.57
CA GLU A 416 1.13 -5.60 23.83
C GLU A 416 0.09 -6.71 23.68
N LYS A 417 -1.01 -6.43 22.99
CA LYS A 417 -2.04 -7.44 22.77
C LYS A 417 -1.55 -8.62 21.94
N SER A 418 -0.41 -8.46 21.25
CA SER A 418 0.13 -9.54 20.42
C SER A 418 0.89 -10.58 21.22
N LEU A 419 1.25 -10.29 22.48
CA LEU A 419 1.86 -11.29 23.34
C LEU A 419 0.95 -12.50 23.47
N LEU A 420 1.56 -13.67 23.70
CA LEU A 420 0.81 -14.89 23.97
C LEU A 420 0.72 -15.20 25.46
N LYS A 421 1.73 -14.82 26.22
CA LYS A 421 1.79 -15.00 27.66
C LYS A 421 1.85 -13.63 28.33
N GLU A 422 2.00 -13.63 29.66
CA GLU A 422 1.93 -12.41 30.47
C GLU A 422 0.66 -11.62 30.13
N GLY A 423 -0.48 -12.26 30.37
CA GLY A 423 -1.75 -11.59 30.24
C GLY A 423 -2.19 -10.99 31.57
N SER B 32 5.25 -19.34 -12.10
CA SER B 32 4.48 -18.60 -11.11
C SER B 32 3.93 -19.59 -10.10
N LYS B 33 4.78 -20.08 -9.21
CA LYS B 33 4.42 -21.23 -8.38
C LYS B 33 3.55 -20.81 -7.21
N GLU B 34 2.24 -20.97 -7.43
CA GLU B 34 1.19 -20.98 -6.40
C GLU B 34 0.95 -19.59 -5.83
N TYR B 35 0.77 -18.65 -6.76
CA TYR B 35 -0.03 -17.46 -6.56
C TYR B 35 -1.47 -17.74 -6.94
N HIS B 36 -1.77 -19.03 -7.12
CA HIS B 36 -3.10 -19.52 -7.50
C HIS B 36 -3.59 -18.84 -8.77
N ILE B 37 -2.76 -18.89 -9.80
CA ILE B 37 -3.12 -18.42 -11.13
C ILE B 37 -3.44 -19.64 -11.95
N ASP B 38 -4.61 -19.66 -12.58
CA ASP B 38 -5.01 -20.77 -13.43
C ASP B 38 -4.54 -20.53 -14.86
N GLU B 39 -4.13 -21.61 -15.52
CA GLU B 39 -3.59 -21.51 -16.88
C GLU B 39 -4.62 -20.90 -17.83
N GLU B 40 -5.88 -21.33 -17.71
CA GLU B 40 -6.93 -20.94 -18.63
C GLU B 40 -7.77 -19.77 -18.13
N VAL B 41 -7.90 -19.62 -16.81
CA VAL B 41 -8.84 -18.67 -16.24
C VAL B 41 -8.16 -17.48 -15.58
N GLY B 42 -6.95 -17.64 -15.05
CA GLY B 42 -6.19 -16.52 -14.52
C GLY B 42 -6.40 -16.35 -13.03
N PHE B 43 -6.78 -15.14 -12.61
CA PHE B 43 -7.01 -14.86 -11.19
C PHE B 43 -8.39 -15.28 -10.71
N ALA B 44 -9.30 -15.63 -11.62
CA ALA B 44 -10.60 -16.10 -11.18
C ALA B 44 -10.48 -17.54 -10.66
N LEU B 45 -11.44 -17.91 -9.83
CA LEU B 45 -11.46 -19.26 -9.26
C LEU B 45 -11.87 -20.25 -10.33
N PRO B 46 -11.04 -21.26 -10.65
CA PRO B 46 -11.31 -22.12 -11.81
C PRO B 46 -12.41 -23.13 -11.49
N ASN B 47 -13.53 -23.06 -12.22
CA ASN B 47 -14.68 -23.92 -12.02
C ASN B 47 -15.16 -23.80 -10.58
N PRO B 48 -15.75 -22.66 -10.20
CA PRO B 48 -16.11 -22.45 -8.79
C PRO B 48 -17.24 -23.36 -8.36
N GLN B 49 -17.16 -23.82 -7.11
CA GLN B 49 -18.12 -24.77 -6.56
C GLN B 49 -19.51 -24.16 -6.47
N GLU B 50 -20.54 -24.99 -6.69
CA GLU B 50 -21.90 -24.48 -6.77
C GLU B 50 -22.67 -24.61 -5.46
N ASN B 51 -22.55 -25.73 -4.76
CA ASN B 51 -23.36 -26.00 -3.58
C ASN B 51 -22.45 -26.29 -2.38
N LEU B 52 -22.83 -25.75 -1.23
CA LEU B 52 -22.15 -26.00 0.03
C LEU B 52 -22.58 -27.36 0.57
N PRO B 53 -22.01 -27.80 1.70
CA PRO B 53 -22.59 -28.96 2.39
C PRO B 53 -24.06 -28.70 2.76
N ASP B 54 -24.80 -29.78 2.98
CA ASP B 54 -26.20 -29.63 3.36
C ASP B 54 -26.35 -29.12 4.79
N PHE B 55 -25.28 -29.18 5.58
CA PHE B 55 -25.24 -28.47 6.87
C PHE B 55 -25.58 -27.01 6.69
N TYR B 56 -25.14 -26.41 5.58
CA TYR B 56 -25.35 -25.00 5.31
C TYR B 56 -26.53 -24.74 4.37
N ASN B 57 -27.52 -25.64 4.38
CA ASN B 57 -28.70 -25.46 3.54
C ASN B 57 -29.47 -24.20 3.94
N ASP B 58 -29.42 -23.83 5.23
CA ASP B 58 -30.11 -22.62 5.67
C ASP B 58 -29.49 -21.37 5.05
N TRP B 59 -28.17 -21.37 4.86
CA TRP B 59 -27.52 -20.24 4.20
C TRP B 59 -27.88 -20.18 2.72
N MET B 60 -27.65 -21.28 2.00
CA MET B 60 -27.87 -21.30 0.56
C MET B 60 -29.33 -21.07 0.19
N PHE B 61 -30.26 -21.33 1.11
CA PHE B 61 -31.67 -21.05 0.83
C PHE B 61 -31.90 -19.55 0.65
N ILE B 62 -31.42 -18.74 1.59
CA ILE B 62 -31.57 -17.30 1.48
C ILE B 62 -30.80 -16.78 0.26
N ALA B 63 -29.62 -17.33 0.02
CA ALA B 63 -28.76 -16.82 -1.05
C ALA B 63 -29.40 -17.05 -2.42
N LYS B 64 -29.84 -18.27 -2.70
CA LYS B 64 -30.49 -18.53 -3.98
C LYS B 64 -31.81 -17.79 -4.12
N HIS B 65 -32.43 -17.40 -3.02
CA HIS B 65 -33.75 -16.78 -3.02
C HIS B 65 -33.71 -15.33 -2.54
N LEU B 66 -32.64 -14.60 -2.89
CA LEU B 66 -32.61 -13.17 -2.55
C LEU B 66 -33.66 -12.36 -3.28
N PRO B 67 -33.85 -12.49 -4.61
CA PRO B 67 -34.85 -11.64 -5.29
C PRO B 67 -36.24 -11.72 -4.69
N ASP B 68 -36.78 -12.93 -4.50
CA ASP B 68 -38.14 -13.06 -3.99
C ASP B 68 -38.21 -12.73 -2.50
N LEU B 69 -37.17 -13.05 -1.73
CA LEU B 69 -37.20 -12.76 -0.29
C LEU B 69 -37.05 -11.28 0.00
N ILE B 70 -36.36 -10.54 -0.88
CA ILE B 70 -36.22 -9.10 -0.67
C ILE B 70 -37.52 -8.38 -1.00
N GLU B 71 -38.07 -8.64 -2.20
CA GLU B 71 -39.36 -8.08 -2.57
C GLU B 71 -40.45 -8.52 -1.60
N SER B 72 -40.39 -9.76 -1.11
CA SER B 72 -41.32 -10.20 -0.09
C SER B 72 -41.12 -9.50 1.25
N GLY B 73 -40.05 -8.72 1.40
CA GLY B 73 -39.74 -8.12 2.67
C GLY B 73 -39.43 -9.09 3.79
N GLN B 74 -39.38 -10.38 3.50
CA GLN B 74 -39.12 -11.42 4.50
C GLN B 74 -37.63 -11.73 4.64
N LEU B 75 -36.76 -11.10 3.88
CA LEU B 75 -35.34 -11.45 3.92
C LEU B 75 -34.76 -11.18 5.31
N ARG B 76 -34.95 -9.97 5.83
CA ARG B 76 -34.25 -9.58 7.05
C ARG B 76 -34.59 -10.46 8.23
N GLU B 77 -35.82 -10.95 8.31
CA GLU B 77 -36.19 -11.85 9.42
C GLU B 77 -35.57 -13.23 9.24
N ARG B 78 -35.71 -13.81 8.04
CA ARG B 78 -35.12 -15.12 7.80
C ARG B 78 -33.63 -15.13 8.06
N VAL B 79 -32.99 -13.96 8.02
CA VAL B 79 -31.62 -13.83 8.49
C VAL B 79 -31.57 -13.80 10.00
N GLU B 80 -32.53 -13.11 10.63
CA GLU B 80 -32.52 -12.99 12.09
C GLU B 80 -32.93 -14.29 12.77
N LYS B 81 -33.73 -15.11 12.11
CA LYS B 81 -34.20 -16.38 12.66
C LYS B 81 -33.44 -17.57 12.12
N LEU B 82 -32.16 -17.42 11.82
CA LEU B 82 -31.28 -18.52 11.46
C LEU B 82 -30.28 -18.76 12.58
N ASN B 83 -29.93 -20.02 12.78
CA ASN B 83 -28.99 -20.37 13.84
C ASN B 83 -27.58 -19.90 13.48
N MET B 84 -26.74 -19.80 14.51
CA MET B 84 -25.33 -19.46 14.32
C MET B 84 -24.61 -20.70 13.85
N LEU B 85 -24.41 -20.82 12.54
CA LEU B 85 -23.70 -21.97 12.00
C LEU B 85 -22.20 -21.82 12.21
N SER B 86 -21.52 -22.96 12.21
CA SER B 86 -20.07 -23.00 12.37
C SER B 86 -19.40 -23.16 11.01
N ILE B 87 -18.23 -22.55 10.87
CA ILE B 87 -17.49 -22.61 9.61
C ILE B 87 -16.55 -23.80 9.59
N ASP B 88 -16.64 -24.66 10.62
CA ASP B 88 -15.73 -25.79 10.74
C ASP B 88 -15.89 -26.82 9.64
N HIS B 89 -17.07 -26.91 9.02
CA HIS B 89 -17.34 -27.95 8.03
C HIS B 89 -17.17 -27.44 6.61
N LEU B 90 -16.58 -26.26 6.43
CA LEU B 90 -16.12 -25.79 5.13
C LEU B 90 -14.66 -26.20 5.02
N THR B 91 -14.40 -27.26 4.25
CA THR B 91 -13.11 -27.95 4.30
C THR B 91 -12.08 -27.32 3.36
N ASP B 92 -12.40 -27.21 2.08
CA ASP B 92 -11.45 -26.81 1.05
C ASP B 92 -11.72 -25.38 0.60
N HIS B 93 -10.71 -24.80 -0.05
CA HIS B 93 -10.78 -23.40 -0.49
C HIS B 93 -12.04 -23.13 -1.29
N LYS B 94 -12.40 -24.04 -2.21
CA LYS B 94 -13.55 -23.81 -3.07
C LYS B 94 -14.85 -23.75 -2.28
N SER B 95 -14.92 -24.43 -1.14
CA SER B 95 -16.12 -24.33 -0.32
C SER B 95 -16.11 -23.08 0.55
N GLN B 96 -14.96 -22.74 1.13
CA GLN B 96 -14.84 -21.52 1.92
C GLN B 96 -15.01 -20.27 1.07
N ARG B 97 -14.85 -20.37 -0.24
CA ARG B 97 -15.02 -19.22 -1.12
C ARG B 97 -16.49 -18.92 -1.36
N LEU B 98 -17.23 -19.88 -1.91
CA LEU B 98 -18.64 -19.64 -2.21
C LEU B 98 -19.47 -19.52 -0.95
N ALA B 99 -18.99 -20.05 0.17
CA ALA B 99 -19.59 -19.69 1.46
C ALA B 99 -19.42 -18.20 1.72
N ARG B 100 -18.23 -17.66 1.43
CA ARG B 100 -18.03 -16.22 1.52
C ARG B 100 -18.86 -15.47 0.48
N LEU B 101 -19.06 -16.06 -0.70
CA LEU B 101 -19.97 -15.45 -1.67
C LEU B 101 -21.41 -15.49 -1.16
N VAL B 102 -21.84 -16.61 -0.59
CA VAL B 102 -23.19 -16.71 -0.06
C VAL B 102 -23.41 -15.66 1.03
N LEU B 103 -22.51 -15.62 2.02
CA LEU B 103 -22.67 -14.67 3.12
C LEU B 103 -22.47 -13.23 2.66
N GLY B 104 -21.70 -13.03 1.58
CA GLY B 104 -21.49 -11.68 1.09
C GLY B 104 -22.75 -11.07 0.50
N CYS B 105 -23.49 -11.86 -0.29
CA CYS B 105 -24.73 -11.35 -0.89
C CYS B 105 -25.83 -11.19 0.15
N ILE B 106 -25.93 -12.13 1.09
CA ILE B 106 -26.93 -12.02 2.15
C ILE B 106 -26.68 -10.78 2.99
N THR B 107 -25.42 -10.41 3.18
CA THR B 107 -25.11 -9.21 3.97
C THR B 107 -25.48 -7.94 3.22
N MET B 108 -25.19 -7.88 1.92
CA MET B 108 -25.57 -6.70 1.13
C MET B 108 -27.09 -6.53 1.12
N ALA B 109 -27.83 -7.63 0.96
CA ALA B 109 -29.28 -7.55 0.97
C ALA B 109 -29.80 -7.12 2.34
N TYR B 110 -29.23 -7.68 3.41
CA TYR B 110 -29.70 -7.32 4.76
C TYR B 110 -29.45 -5.85 5.04
N VAL B 111 -28.34 -5.31 4.56
CA VAL B 111 -27.96 -3.94 4.88
C VAL B 111 -28.66 -2.92 3.97
N TRP B 112 -28.88 -3.26 2.70
CA TRP B 112 -29.56 -2.35 1.78
C TRP B 112 -31.03 -2.69 1.59
N GLY B 113 -31.44 -3.92 1.86
CA GLY B 113 -32.87 -4.25 1.81
C GLY B 113 -33.41 -4.19 0.40
N LYS B 114 -34.63 -3.63 0.28
CA LYS B 114 -35.24 -3.41 -1.03
C LYS B 114 -34.42 -2.46 -1.89
N GLY B 115 -33.42 -1.78 -1.32
CA GLY B 115 -32.53 -0.96 -2.09
C GLY B 115 -32.99 0.47 -2.30
N HIS B 116 -33.71 1.04 -1.33
CA HIS B 116 -34.31 2.35 -1.50
C HIS B 116 -33.99 3.34 -0.40
N GLY B 117 -32.99 3.08 0.44
CA GLY B 117 -32.52 4.04 1.42
C GLY B 117 -32.59 3.56 2.86
N ASP B 118 -33.57 2.71 3.18
CA ASP B 118 -33.74 2.19 4.53
C ASP B 118 -32.65 1.15 4.80
N VAL B 119 -31.75 1.44 5.72
CA VAL B 119 -30.53 0.66 5.91
C VAL B 119 -30.47 0.10 7.32
N ARG B 120 -30.26 -1.21 7.42
CA ARG B 120 -29.87 -1.80 8.70
C ARG B 120 -28.41 -1.47 8.98
N LYS B 121 -28.12 -1.04 10.20
CA LYS B 121 -26.76 -0.70 10.60
C LYS B 121 -26.15 -1.73 11.54
N VAL B 122 -26.85 -2.82 11.81
CA VAL B 122 -26.34 -3.88 12.68
C VAL B 122 -26.47 -5.21 11.95
N LEU B 123 -25.40 -5.98 11.95
CA LEU B 123 -25.44 -7.32 11.36
C LEU B 123 -25.83 -8.33 12.42
N PRO B 124 -26.85 -9.16 12.19
CA PRO B 124 -27.23 -10.16 13.20
C PRO B 124 -26.05 -11.06 13.55
N ARG B 125 -25.85 -11.29 14.85
CA ARG B 125 -24.64 -11.97 15.29
C ARG B 125 -24.57 -13.43 14.85
N ASN B 126 -25.69 -14.09 14.56
CA ASN B 126 -25.60 -15.45 14.04
C ASN B 126 -25.22 -15.50 12.57
N ILE B 127 -25.27 -14.38 11.86
CA ILE B 127 -24.63 -14.27 10.56
C ILE B 127 -23.37 -13.41 10.63
N ALA B 128 -23.26 -12.54 11.64
CA ALA B 128 -22.18 -11.57 11.67
C ALA B 128 -20.82 -12.21 11.91
N VAL B 129 -20.76 -13.30 12.67
CA VAL B 129 -19.45 -13.84 13.04
C VAL B 129 -19.07 -15.11 12.27
N PRO B 130 -20.00 -15.93 11.73
CA PRO B 130 -19.54 -16.92 10.75
C PRO B 130 -18.93 -16.25 9.53
N TYR B 131 -19.47 -15.11 9.13
CA TYR B 131 -18.90 -14.33 8.05
C TYR B 131 -17.52 -13.82 8.40
N CYS B 132 -17.35 -13.29 9.62
CA CYS B 132 -16.15 -12.57 9.98
C CYS B 132 -14.99 -13.48 10.39
N GLN B 133 -15.24 -14.73 10.75
CA GLN B 133 -14.12 -15.64 10.96
C GLN B 133 -13.79 -16.42 9.70
N LEU B 134 -14.77 -16.64 8.82
CA LEU B 134 -14.46 -17.13 7.48
C LEU B 134 -13.65 -16.08 6.72
N SER B 135 -13.98 -14.80 6.90
CA SER B 135 -13.19 -13.73 6.29
C SER B 135 -11.79 -13.68 6.89
N LYS B 136 -11.68 -13.90 8.20
CA LYS B 136 -10.36 -13.89 8.85
C LYS B 136 -9.51 -15.07 8.39
N LYS B 137 -10.13 -16.21 8.08
CA LYS B 137 -9.37 -17.36 7.61
C LYS B 137 -8.80 -17.10 6.22
N LEU B 138 -9.58 -16.47 5.35
CA LEU B 138 -9.13 -16.17 3.99
C LEU B 138 -8.41 -14.83 3.88
N GLU B 139 -8.26 -14.10 5.00
CA GLU B 139 -7.59 -12.80 5.04
C GLU B 139 -8.30 -11.74 4.21
N LEU B 140 -9.62 -11.87 4.08
CA LEU B 140 -10.47 -10.92 3.38
C LEU B 140 -11.23 -10.04 4.37
N PRO B 141 -11.66 -8.85 3.95
CA PRO B 141 -12.54 -8.04 4.79
C PRO B 141 -13.98 -8.52 4.69
N PRO B 142 -14.74 -8.48 5.79
CA PRO B 142 -16.12 -9.00 5.75
C PRO B 142 -17.08 -8.13 4.95
N ILE B 143 -16.95 -8.16 3.63
CA ILE B 143 -17.89 -7.51 2.73
C ILE B 143 -17.72 -8.14 1.35
N LEU B 144 -18.83 -8.22 0.61
CA LEU B 144 -18.80 -8.72 -0.76
C LEU B 144 -17.86 -7.87 -1.61
N VAL B 145 -16.92 -8.53 -2.30
CA VAL B 145 -15.91 -7.85 -3.10
C VAL B 145 -15.84 -8.52 -4.47
N TYR B 146 -14.92 -8.01 -5.29
CA TYR B 146 -14.83 -8.44 -6.69
C TYR B 146 -14.47 -9.92 -6.80
N ALA B 147 -13.58 -10.40 -5.93
CA ALA B 147 -13.23 -11.82 -5.95
C ALA B 147 -14.41 -12.71 -5.58
N ASP B 148 -15.40 -12.16 -4.88
CA ASP B 148 -16.58 -12.94 -4.51
C ASP B 148 -17.58 -13.01 -5.66
N CYS B 149 -18.09 -11.87 -6.10
CA CYS B 149 -19.23 -11.82 -7.00
C CYS B 149 -18.86 -11.93 -8.47
N VAL B 150 -17.57 -11.98 -8.82
CA VAL B 150 -17.16 -12.11 -10.21
C VAL B 150 -16.26 -13.33 -10.39
N LEU B 151 -15.16 -13.38 -9.64
CA LEU B 151 -14.18 -14.44 -9.85
C LEU B 151 -14.72 -15.80 -9.42
N ALA B 152 -15.45 -15.85 -8.32
CA ALA B 152 -15.98 -17.10 -7.81
C ALA B 152 -17.46 -17.29 -8.11
N ASN B 153 -18.12 -16.28 -8.66
CA ASN B 153 -19.56 -16.32 -8.88
C ASN B 153 -19.89 -16.60 -10.35
N TRP B 154 -19.49 -17.77 -10.86
CA TRP B 154 -19.80 -18.12 -12.24
C TRP B 154 -19.91 -19.63 -12.38
N LYS B 155 -20.30 -20.07 -13.58
CA LYS B 155 -20.42 -21.49 -13.87
C LYS B 155 -20.55 -21.67 -15.38
N LYS B 156 -20.06 -22.80 -15.86
CA LYS B 156 -20.26 -23.20 -17.25
C LYS B 156 -21.64 -23.82 -17.41
N LYS B 157 -22.36 -23.40 -18.45
CA LYS B 157 -23.61 -24.07 -18.78
C LYS B 157 -23.32 -25.50 -19.23
N ASP B 158 -22.66 -25.64 -20.37
CA ASP B 158 -22.26 -26.95 -20.88
C ASP B 158 -20.78 -27.15 -20.62
N PRO B 159 -20.39 -28.16 -19.83
CA PRO B 159 -18.99 -28.23 -19.39
C PRO B 159 -17.95 -28.33 -20.51
N ASN B 160 -18.29 -28.94 -21.65
CA ASN B 160 -17.32 -29.15 -22.72
C ASN B 160 -17.51 -28.19 -23.89
N LYS B 161 -18.14 -27.05 -23.65
CA LYS B 161 -18.22 -25.93 -24.57
C LYS B 161 -17.37 -24.77 -24.03
N PRO B 162 -17.03 -23.79 -24.87
CA PRO B 162 -16.04 -22.79 -24.45
C PRO B 162 -16.58 -21.78 -23.46
N LEU B 163 -15.65 -21.11 -22.79
CA LEU B 163 -15.96 -20.01 -21.86
C LEU B 163 -16.33 -18.77 -22.67
N THR B 164 -17.59 -18.69 -23.06
CA THR B 164 -18.17 -17.51 -23.67
C THR B 164 -19.52 -17.23 -23.02
N TYR B 165 -20.07 -16.05 -23.32
CA TYR B 165 -21.19 -15.53 -22.53
C TYR B 165 -22.39 -16.46 -22.56
N GLU B 166 -22.70 -17.01 -23.74
CA GLU B 166 -23.89 -17.84 -23.90
C GLU B 166 -23.80 -19.14 -23.11
N ASN B 167 -22.60 -19.72 -22.98
CA ASN B 167 -22.39 -20.96 -22.26
C ASN B 167 -22.15 -20.73 -20.77
N MET B 168 -22.50 -19.56 -20.24
CA MET B 168 -22.15 -19.24 -18.86
C MET B 168 -23.32 -18.59 -18.15
N ASP B 169 -23.24 -18.60 -16.83
CA ASP B 169 -24.25 -17.98 -15.97
C ASP B 169 -23.60 -17.67 -14.62
N VAL B 170 -24.21 -16.73 -13.91
CA VAL B 170 -23.73 -16.38 -12.58
C VAL B 170 -24.51 -17.18 -11.54
N LEU B 171 -23.88 -17.41 -10.39
CA LEU B 171 -24.51 -18.28 -9.40
C LEU B 171 -25.53 -17.54 -8.55
N PHE B 172 -25.40 -16.22 -8.41
CA PHE B 172 -26.28 -15.46 -7.53
C PHE B 172 -26.58 -14.10 -8.12
N SER B 173 -27.74 -13.56 -7.76
CA SER B 173 -28.17 -12.23 -8.17
C SER B 173 -28.85 -11.56 -6.98
N PHE B 174 -29.21 -10.28 -7.14
CA PHE B 174 -29.84 -9.52 -6.08
C PHE B 174 -31.33 -9.33 -6.32
N ARG B 175 -31.71 -8.67 -7.41
CA ARG B 175 -33.10 -8.45 -7.76
C ARG B 175 -33.32 -8.85 -9.21
N ASP B 176 -34.56 -9.23 -9.53
CA ASP B 176 -34.91 -9.57 -10.90
C ASP B 176 -34.68 -8.37 -11.81
N GLY B 177 -34.02 -8.63 -12.95
CA GLY B 177 -33.75 -7.57 -13.89
C GLY B 177 -32.67 -6.60 -13.47
N ASP B 178 -31.83 -6.96 -12.50
CA ASP B 178 -30.72 -6.09 -12.12
C ASP B 178 -29.52 -6.26 -13.04
N CYS B 179 -29.62 -7.12 -14.06
CA CYS B 179 -28.56 -7.34 -15.03
C CYS B 179 -27.25 -7.78 -14.38
N SER B 180 -27.34 -8.40 -13.21
CA SER B 180 -26.13 -8.86 -12.53
C SER B 180 -25.44 -9.97 -13.31
N LYS B 181 -26.20 -10.74 -14.10
CA LYS B 181 -25.58 -11.75 -14.95
C LYS B 181 -24.66 -11.11 -15.97
N GLY B 182 -25.15 -10.10 -16.69
CA GLY B 182 -24.33 -9.39 -17.64
C GLY B 182 -23.12 -8.75 -17.00
N PHE B 183 -23.35 -7.93 -15.96
CA PHE B 183 -22.28 -7.15 -15.36
C PHE B 183 -21.23 -8.03 -14.72
N PHE B 184 -21.62 -9.20 -14.19
CA PHE B 184 -20.66 -10.09 -13.57
C PHE B 184 -19.93 -10.95 -14.58
N LEU B 185 -20.56 -11.26 -15.71
CA LEU B 185 -19.95 -12.12 -16.72
C LEU B 185 -19.01 -11.36 -17.66
N VAL B 186 -19.46 -10.21 -18.20
CA VAL B 186 -18.61 -9.46 -19.12
C VAL B 186 -17.34 -9.01 -18.41
N SER B 187 -17.43 -8.68 -17.12
CA SER B 187 -16.25 -8.39 -16.33
C SER B 187 -15.35 -9.62 -16.24
N LEU B 188 -15.94 -10.77 -15.89
CA LEU B 188 -15.16 -11.99 -15.79
C LEU B 188 -14.53 -12.38 -17.12
N LEU B 189 -15.30 -12.25 -18.21
CA LEU B 189 -14.76 -12.57 -19.53
C LEU B 189 -13.63 -11.61 -19.91
N VAL B 190 -13.75 -10.35 -19.52
CA VAL B 190 -12.65 -9.41 -19.70
C VAL B 190 -11.44 -9.86 -18.89
N GLU B 191 -11.68 -10.34 -17.67
CA GLU B 191 -10.58 -10.80 -16.81
C GLU B 191 -9.90 -12.05 -17.36
N ILE B 192 -10.65 -12.91 -18.05
CA ILE B 192 -10.05 -14.10 -18.62
C ILE B 192 -9.26 -13.77 -19.89
N ALA B 193 -9.72 -12.77 -20.66
CA ALA B 193 -8.96 -12.34 -21.83
C ALA B 193 -7.59 -11.81 -21.42
N ALA B 194 -7.53 -11.01 -20.36
CA ALA B 194 -6.25 -10.49 -19.89
C ALA B 194 -5.38 -11.57 -19.25
N ALA B 195 -5.99 -12.66 -18.78
CA ALA B 195 -5.21 -13.76 -18.22
C ALA B 195 -4.27 -14.37 -19.25
N SER B 196 -4.60 -14.26 -20.53
CA SER B 196 -3.72 -14.78 -21.58
C SER B 196 -2.36 -14.10 -21.53
N ALA B 197 -2.29 -12.84 -21.09
CA ALA B 197 -1.01 -12.16 -21.03
C ALA B 197 -0.24 -12.50 -19.75
N ILE B 198 -0.94 -12.92 -18.69
CA ILE B 198 -0.27 -13.33 -17.46
C ILE B 198 0.74 -14.45 -17.76
N LYS B 199 0.40 -15.32 -18.71
CA LYS B 199 1.32 -16.40 -19.10
C LYS B 199 2.66 -15.86 -19.58
N VAL B 200 2.69 -14.64 -20.10
CA VAL B 200 3.89 -14.08 -20.70
C VAL B 200 4.80 -13.38 -19.69
N ILE B 201 4.28 -13.02 -18.51
CA ILE B 201 5.07 -12.25 -17.55
C ILE B 201 6.40 -12.91 -17.20
N PRO B 202 6.47 -14.22 -16.92
CA PRO B 202 7.81 -14.80 -16.64
C PRO B 202 8.75 -14.70 -17.83
N THR B 203 8.22 -14.76 -19.05
CA THR B 203 9.07 -14.62 -20.24
C THR B 203 9.66 -13.22 -20.32
N VAL B 204 8.90 -12.20 -19.90
CA VAL B 204 9.38 -10.83 -19.96
C VAL B 204 10.58 -10.64 -19.04
N PHE B 205 10.47 -11.13 -17.80
CA PHE B 205 11.54 -10.93 -16.83
C PHE B 205 12.73 -11.85 -17.09
N LYS B 206 12.46 -13.11 -17.47
CA LYS B 206 13.56 -13.99 -17.86
C LYS B 206 14.32 -13.41 -19.05
N ALA B 207 13.62 -12.72 -19.95
CA ALA B 207 14.27 -12.09 -21.09
C ALA B 207 15.14 -10.91 -20.64
N MET B 208 14.67 -10.13 -19.67
CA MET B 208 15.45 -9.01 -19.17
C MET B 208 16.76 -9.47 -18.56
N GLN B 209 16.74 -10.57 -17.80
CA GLN B 209 17.94 -11.03 -17.13
C GLN B 209 18.89 -11.72 -18.08
N MET B 210 18.41 -12.73 -18.82
CA MET B 210 19.23 -13.36 -19.85
C MET B 210 19.56 -12.41 -20.99
N GLN B 211 18.94 -11.23 -21.03
CA GLN B 211 19.18 -10.21 -22.05
C GLN B 211 18.94 -10.77 -23.45
N GLU B 212 17.72 -11.23 -23.67
CA GLU B 212 17.28 -11.76 -24.96
C GLU B 212 16.30 -10.74 -25.54
N ARG B 213 16.86 -9.71 -26.20
CA ARG B 213 16.06 -8.57 -26.65
C ARG B 213 15.03 -8.98 -27.70
N ASP B 214 15.31 -10.01 -28.50
CA ASP B 214 14.34 -10.44 -29.50
C ASP B 214 13.14 -11.11 -28.83
N THR B 215 13.39 -12.03 -27.90
CA THR B 215 12.30 -12.70 -27.21
C THR B 215 11.52 -11.73 -26.33
N LEU B 216 12.18 -10.68 -25.83
CA LEU B 216 11.48 -9.71 -25.01
C LEU B 216 10.48 -8.90 -25.83
N LEU B 217 10.83 -8.59 -27.08
CA LEU B 217 9.96 -7.75 -27.91
C LEU B 217 8.66 -8.47 -28.23
N LYS B 218 8.75 -9.69 -28.79
CA LYS B 218 7.54 -10.45 -29.08
C LYS B 218 6.76 -10.74 -27.81
N ALA B 219 7.45 -10.91 -26.68
CA ALA B 219 6.77 -11.04 -25.40
C ALA B 219 5.94 -9.80 -25.11
N LEU B 220 6.53 -8.63 -25.31
CA LEU B 220 5.77 -7.39 -25.14
C LEU B 220 4.62 -7.31 -26.14
N LEU B 221 4.87 -7.71 -27.39
CA LEU B 221 3.81 -7.64 -28.40
C LEU B 221 2.68 -8.62 -28.11
N GLU B 222 3.02 -9.83 -27.66
CA GLU B 222 1.98 -10.80 -27.29
C GLU B 222 1.13 -10.29 -26.14
N ILE B 223 1.72 -9.53 -25.22
CA ILE B 223 0.95 -8.92 -24.14
C ILE B 223 -0.02 -7.89 -24.70
N ALA B 224 0.51 -6.90 -25.43
CA ALA B 224 -0.33 -5.89 -26.06
C ALA B 224 -1.42 -6.51 -26.92
N SER B 225 -1.13 -7.68 -27.52
CA SER B 225 -2.13 -8.36 -28.33
C SER B 225 -3.35 -8.73 -27.51
N CYS B 226 -3.14 -9.31 -26.33
CA CYS B 226 -4.26 -9.77 -25.51
C CYS B 226 -5.04 -8.61 -24.90
N LEU B 227 -4.35 -7.52 -24.53
CA LEU B 227 -5.06 -6.34 -24.05
C LEU B 227 -5.89 -5.69 -25.15
N GLU B 228 -5.63 -6.03 -26.41
CA GLU B 228 -6.47 -5.61 -27.52
C GLU B 228 -7.67 -6.53 -27.69
N LYS B 229 -7.53 -7.82 -27.40
CA LYS B 229 -8.68 -8.71 -27.36
C LYS B 229 -9.48 -8.56 -26.08
N ALA B 230 -8.92 -7.91 -25.06
CA ALA B 230 -9.69 -7.63 -23.86
C ALA B 230 -10.61 -6.44 -24.06
N LEU B 231 -10.19 -5.47 -24.86
CA LEU B 231 -11.05 -4.33 -25.16
C LEU B 231 -12.23 -4.78 -26.02
N GLN B 232 -12.02 -5.74 -26.91
CA GLN B 232 -13.09 -6.17 -27.80
C GLN B 232 -14.11 -7.02 -27.05
N VAL B 233 -13.64 -7.85 -26.12
CA VAL B 233 -14.56 -8.58 -25.27
C VAL B 233 -15.39 -7.63 -24.42
N PHE B 234 -14.82 -6.48 -24.07
CA PHE B 234 -15.53 -5.49 -23.26
C PHE B 234 -16.71 -4.88 -24.00
N HIS B 235 -16.68 -4.89 -25.34
CA HIS B 235 -17.77 -4.29 -26.11
C HIS B 235 -19.11 -4.93 -25.81
N GLN B 236 -19.12 -6.19 -25.35
CA GLN B 236 -20.36 -6.90 -25.08
C GLN B 236 -21.15 -6.32 -23.93
N ILE B 237 -20.60 -5.32 -23.22
CA ILE B 237 -21.27 -4.78 -22.05
C ILE B 237 -22.59 -4.11 -22.44
N HIS B 238 -22.59 -3.38 -23.57
CA HIS B 238 -23.80 -2.69 -23.99
C HIS B 238 -24.94 -3.64 -24.30
N ASP B 239 -24.67 -4.94 -24.43
CA ASP B 239 -25.69 -5.94 -24.73
C ASP B 239 -26.41 -6.41 -23.48
N HIS B 240 -25.67 -6.86 -22.46
CA HIS B 240 -26.24 -7.64 -21.38
C HIS B 240 -26.39 -6.87 -20.07
N VAL B 241 -26.13 -5.56 -20.06
CA VAL B 241 -26.50 -4.71 -18.94
C VAL B 241 -27.14 -3.44 -19.47
N ASN B 242 -27.94 -2.83 -18.61
CA ASN B 242 -28.89 -1.81 -18.98
C ASN B 242 -28.73 -0.62 -18.05
N PRO B 243 -28.49 0.59 -18.56
CA PRO B 243 -28.25 1.75 -17.67
C PRO B 243 -29.35 1.99 -16.66
N LYS B 244 -30.60 1.73 -17.04
CA LYS B 244 -31.71 1.82 -16.09
C LYS B 244 -31.44 0.98 -14.85
N ALA B 245 -31.05 -0.28 -15.03
CA ALA B 245 -30.96 -1.20 -13.89
C ALA B 245 -29.62 -1.11 -13.17
N PHE B 246 -28.54 -0.79 -13.86
CA PHE B 246 -27.24 -0.74 -13.19
C PHE B 246 -27.19 0.40 -12.19
N PHE B 247 -27.53 1.61 -12.64
CA PHE B 247 -27.40 2.79 -11.77
C PHE B 247 -28.35 2.71 -10.58
N SER B 248 -29.61 2.36 -10.83
CA SER B 248 -30.62 2.41 -9.79
C SER B 248 -30.72 1.13 -8.96
N VAL B 249 -30.22 0.00 -9.45
CA VAL B 249 -30.39 -1.25 -8.74
C VAL B 249 -29.04 -1.88 -8.39
N LEU B 250 -28.26 -2.25 -9.40
CA LEU B 250 -27.06 -3.05 -9.16
C LEU B 250 -26.00 -2.25 -8.40
N ARG B 251 -25.75 -1.01 -8.81
CA ARG B 251 -24.78 -0.18 -8.10
C ARG B 251 -25.14 0.00 -6.64
N ILE B 252 -26.44 -0.05 -6.32
CA ILE B 252 -26.88 0.12 -4.94
C ILE B 252 -26.46 -1.07 -4.09
N TYR B 253 -26.69 -2.29 -4.59
CA TYR B 253 -26.41 -3.49 -3.82
C TYR B 253 -24.92 -3.80 -3.73
N LEU B 254 -24.08 -3.21 -4.58
CA LEU B 254 -22.65 -3.40 -4.52
C LEU B 254 -21.95 -2.28 -3.74
N SER B 255 -22.71 -1.38 -3.13
CA SER B 255 -22.12 -0.26 -2.40
C SER B 255 -21.69 -0.70 -1.00
N GLY B 256 -20.64 -0.06 -0.49
CA GLY B 256 -20.11 -0.35 0.81
C GLY B 256 -20.47 0.71 1.83
N TRP B 257 -19.87 0.58 3.00
CA TRP B 257 -20.08 1.52 4.11
C TRP B 257 -18.74 2.09 4.53
N LYS B 258 -18.12 2.88 3.64
CA LYS B 258 -16.88 3.59 3.95
C LYS B 258 -16.96 4.95 3.28
N GLY B 259 -17.00 6.02 4.07
CA GLY B 259 -17.23 7.34 3.51
C GLY B 259 -18.59 7.49 2.89
N ASN B 260 -19.57 6.70 3.34
CA ASN B 260 -20.95 6.72 2.89
C ASN B 260 -21.83 7.30 3.99
N PRO B 261 -22.62 8.34 3.70
CA PRO B 261 -23.47 8.92 4.75
C PRO B 261 -24.54 7.96 5.26
N GLN B 262 -25.01 7.04 4.41
CA GLN B 262 -26.07 6.12 4.83
C GLN B 262 -25.63 5.23 5.98
N LEU B 263 -24.35 4.85 6.02
CA LEU B 263 -23.73 4.20 7.16
C LEU B 263 -22.52 5.05 7.54
N SER B 264 -22.80 6.15 8.24
CA SER B 264 -21.78 7.17 8.48
C SER B 264 -20.55 6.59 9.17
N ASP B 265 -20.75 5.72 10.16
CA ASP B 265 -19.65 5.19 10.95
C ASP B 265 -19.32 3.73 10.62
N GLY B 266 -20.08 3.09 9.74
CA GLY B 266 -19.84 1.72 9.36
C GLY B 266 -20.93 0.79 9.84
N LEU B 267 -20.59 -0.50 9.87
CA LEU B 267 -21.53 -1.55 10.25
C LEU B 267 -21.08 -2.22 11.53
N VAL B 268 -21.98 -2.30 12.50
CA VAL B 268 -21.74 -3.12 13.68
C VAL B 268 -21.82 -4.58 13.28
N TYR B 269 -20.69 -5.29 13.36
CA TYR B 269 -20.67 -6.74 13.23
C TYR B 269 -20.94 -7.30 14.62
N GLU B 270 -22.21 -7.50 14.93
CA GLU B 270 -22.64 -7.88 16.27
C GLU B 270 -22.00 -9.19 16.70
N GLY B 271 -21.47 -9.21 17.93
CA GLY B 271 -20.79 -10.37 18.44
C GLY B 271 -19.37 -10.53 17.98
N PHE B 272 -18.81 -9.52 17.31
CA PHE B 272 -17.44 -9.59 16.82
C PHE B 272 -16.66 -8.34 17.21
N TRP B 273 -17.19 -7.17 16.89
CA TRP B 273 -16.61 -5.90 17.33
C TRP B 273 -17.74 -5.02 17.81
N GLU B 274 -17.60 -4.43 19.00
CA GLU B 274 -18.67 -3.59 19.53
C GLU B 274 -18.85 -2.37 18.66
N ASP B 275 -17.75 -1.78 18.22
CA ASP B 275 -17.77 -0.62 17.36
C ASP B 275 -18.18 -1.03 15.96
N PRO B 276 -18.73 -0.10 15.18
CA PRO B 276 -19.01 -0.39 13.77
C PRO B 276 -17.79 -0.14 12.89
N LYS B 277 -17.40 -1.14 12.12
CA LYS B 277 -16.27 -1.01 11.21
C LYS B 277 -16.77 -0.62 9.83
N GLU B 278 -15.96 0.15 9.11
CA GLU B 278 -16.37 0.68 7.82
C GLU B 278 -15.47 0.14 6.72
N PHE B 279 -16.04 -0.63 5.80
CA PHE B 279 -15.32 -1.23 4.68
C PHE B 279 -15.83 -0.64 3.36
N ALA B 280 -14.91 -0.55 2.39
CA ALA B 280 -15.26 -0.01 1.10
C ALA B 280 -16.07 -1.01 0.28
N GLY B 281 -16.85 -0.49 -0.66
CA GLY B 281 -17.69 -1.30 -1.50
C GLY B 281 -16.89 -2.12 -2.50
N GLY B 282 -17.63 -2.75 -3.42
CA GLY B 282 -17.02 -3.56 -4.46
C GLY B 282 -16.61 -2.71 -5.65
N SER B 283 -15.42 -3.01 -6.18
CA SER B 283 -14.91 -2.30 -7.35
C SER B 283 -14.03 -3.25 -8.14
N ALA B 284 -13.92 -2.99 -9.43
CA ALA B 284 -12.98 -3.75 -10.25
C ALA B 284 -11.54 -3.33 -9.97
N GLY B 285 -11.34 -2.20 -9.30
CA GLY B 285 -10.03 -1.88 -8.75
C GLY B 285 -9.52 -2.90 -7.77
N GLN B 286 -10.42 -3.76 -7.26
CA GLN B 286 -10.07 -4.92 -6.46
C GLN B 286 -9.59 -6.10 -7.29
N SER B 287 -9.46 -5.95 -8.61
CA SER B 287 -9.00 -7.04 -9.45
C SER B 287 -7.50 -6.92 -9.68
N SER B 288 -6.84 -8.08 -9.76
CA SER B 288 -5.38 -8.11 -9.77
C SER B 288 -4.83 -7.89 -11.18
N VAL B 289 -5.47 -8.48 -12.20
CA VAL B 289 -4.97 -8.34 -13.57
C VAL B 289 -4.81 -6.88 -13.95
N PHE B 290 -5.78 -6.05 -13.58
CA PHE B 290 -5.79 -4.67 -14.05
C PHE B 290 -4.80 -3.81 -13.28
N GLN B 291 -4.52 -4.15 -12.03
CA GLN B 291 -3.39 -3.54 -11.34
C GLN B 291 -2.07 -4.14 -11.80
N CYS B 292 -2.07 -5.39 -12.24
CA CYS B 292 -0.82 -6.10 -12.51
C CYS B 292 -0.16 -5.64 -13.80
N PHE B 293 -0.90 -5.07 -14.74
CA PHE B 293 -0.26 -4.58 -15.95
C PHE B 293 0.32 -3.19 -15.76
N ASP B 294 -0.30 -2.37 -14.91
CA ASP B 294 0.31 -1.09 -14.54
C ASP B 294 1.70 -1.30 -13.96
N VAL B 295 1.84 -2.27 -13.04
CA VAL B 295 3.10 -2.44 -12.34
C VAL B 295 4.14 -3.07 -13.25
N LEU B 296 3.72 -3.96 -14.16
CA LEU B 296 4.68 -4.57 -15.08
C LEU B 296 5.32 -3.53 -15.99
N LEU B 297 4.52 -2.58 -16.46
CA LEU B 297 4.99 -1.55 -17.38
C LEU B 297 5.54 -0.32 -16.66
N GLY B 298 5.73 -0.40 -15.35
CA GLY B 298 6.24 0.74 -14.61
C GLY B 298 5.27 1.89 -14.46
N ILE B 299 4.03 1.72 -14.90
CA ILE B 299 2.98 2.73 -14.71
C ILE B 299 2.63 2.73 -13.22
N GLN B 300 3.07 3.77 -12.51
CA GLN B 300 2.94 3.83 -11.05
C GLN B 300 1.71 4.66 -10.67
N GLN B 301 0.55 4.05 -10.92
CA GLN B 301 -0.70 4.59 -10.41
C GLN B 301 -0.62 4.80 -8.90
N THR B 302 -0.12 3.78 -8.19
CA THR B 302 -0.01 3.76 -6.74
C THR B 302 1.05 4.71 -6.19
N ALA B 303 1.67 5.52 -7.03
CA ALA B 303 2.72 6.44 -6.60
C ALA B 303 2.39 7.85 -7.04
N GLY B 304 2.85 8.82 -6.25
CA GLY B 304 2.54 10.22 -6.46
C GLY B 304 1.64 10.82 -5.40
N GLY B 305 1.22 10.05 -4.40
CA GLY B 305 0.47 10.58 -3.28
C GLY B 305 -0.94 11.02 -3.61
N GLY B 306 -1.37 10.74 -4.84
CA GLY B 306 -2.69 11.17 -5.28
C GLY B 306 -3.81 10.36 -4.67
N HIS B 307 -5.03 10.88 -4.84
CA HIS B 307 -6.21 10.14 -4.40
C HIS B 307 -6.35 8.82 -5.13
N ALA B 308 -6.04 8.83 -6.44
CA ALA B 308 -6.08 7.59 -7.21
C ALA B 308 -5.03 6.60 -6.73
N ALA B 309 -3.89 7.10 -6.26
CA ALA B 309 -2.82 6.22 -5.79
C ALA B 309 -3.25 5.44 -4.55
N GLN B 310 -4.00 6.08 -3.66
CA GLN B 310 -4.37 5.43 -2.40
C GLN B 310 -5.55 4.50 -2.56
N PHE B 311 -6.54 4.87 -3.38
CA PHE B 311 -7.67 3.97 -3.62
C PHE B 311 -7.19 2.64 -4.19
N LEU B 312 -6.29 2.69 -5.16
CA LEU B 312 -5.81 1.47 -5.80
C LEU B 312 -4.97 0.63 -4.84
N GLN B 313 -4.23 1.27 -3.94
CA GLN B 313 -3.44 0.50 -2.98
C GLN B 313 -4.34 -0.09 -1.89
N ASP B 314 -5.27 0.71 -1.37
CA ASP B 314 -6.20 0.19 -0.37
C ASP B 314 -7.08 -0.91 -0.94
N MET B 315 -7.31 -0.93 -2.25
CA MET B 315 -8.06 -2.02 -2.87
C MET B 315 -7.27 -3.33 -2.88
N ARG B 316 -5.96 -3.28 -2.70
CA ARG B 316 -5.16 -4.50 -2.69
C ARG B 316 -5.44 -5.35 -1.46
N ARG B 317 -5.84 -4.72 -0.35
CA ARG B 317 -6.21 -5.45 0.85
C ARG B 317 -7.62 -6.04 0.77
N TYR B 318 -8.36 -5.73 -0.29
CA TYR B 318 -9.62 -6.37 -0.60
C TYR B 318 -9.45 -7.52 -1.60
N MET B 319 -8.19 -7.94 -1.88
CA MET B 319 -7.83 -9.00 -2.80
C MET B 319 -7.46 -10.26 -2.05
N PRO B 320 -7.70 -11.42 -2.67
CA PRO B 320 -7.19 -12.68 -2.11
C PRO B 320 -5.70 -12.58 -1.84
N PRO B 321 -5.20 -13.29 -0.81
CA PRO B 321 -3.84 -13.04 -0.35
C PRO B 321 -2.77 -13.41 -1.37
N ALA B 322 -3.00 -14.46 -2.17
CA ALA B 322 -2.04 -14.83 -3.19
C ALA B 322 -1.99 -13.82 -4.32
N HIS B 323 -3.06 -13.05 -4.52
CA HIS B 323 -3.12 -12.09 -5.61
C HIS B 323 -2.49 -10.75 -5.25
N ARG B 324 -2.62 -10.31 -4.01
CA ARG B 324 -1.80 -9.19 -3.55
C ARG B 324 -0.37 -9.62 -3.27
N ASN B 325 -0.13 -10.92 -3.08
CA ASN B 325 1.24 -11.43 -3.02
C ASN B 325 1.89 -11.43 -4.39
N PHE B 326 1.18 -11.94 -5.40
CA PHE B 326 1.70 -11.93 -6.76
C PHE B 326 1.98 -10.51 -7.23
N LEU B 327 1.08 -9.57 -6.89
CA LEU B 327 1.28 -8.19 -7.28
C LEU B 327 2.48 -7.57 -6.60
N CYS B 328 2.63 -7.82 -5.30
CA CYS B 328 3.78 -7.27 -4.56
C CYS B 328 5.10 -7.78 -5.13
N SER B 329 5.15 -9.04 -5.55
CA SER B 329 6.37 -9.62 -6.08
C SER B 329 6.66 -9.22 -7.52
N LEU B 330 5.68 -8.66 -8.23
CA LEU B 330 5.98 -8.03 -9.52
C LEU B 330 6.76 -6.74 -9.33
N GLU B 331 6.35 -5.93 -8.35
CA GLU B 331 7.09 -4.71 -8.03
C GLU B 331 8.48 -5.01 -7.48
N SER B 332 8.72 -6.23 -7.00
CA SER B 332 10.02 -6.62 -6.49
C SER B 332 11.01 -6.98 -7.59
N ASN B 333 10.58 -6.97 -8.84
CA ASN B 333 11.42 -7.22 -10.00
C ASN B 333 11.87 -5.90 -10.62
N PRO B 334 12.96 -5.89 -11.39
CA PRO B 334 13.38 -4.64 -12.04
C PRO B 334 12.40 -4.23 -13.12
N SER B 335 12.06 -2.94 -13.12
CA SER B 335 10.98 -2.44 -13.94
C SER B 335 11.27 -2.64 -15.42
N VAL B 336 10.28 -3.17 -16.14
CA VAL B 336 10.38 -3.33 -17.59
C VAL B 336 10.56 -1.98 -18.27
N ARG B 337 9.99 -0.92 -17.69
CA ARG B 337 10.04 0.39 -18.33
C ARG B 337 11.47 0.89 -18.49
N GLU B 338 12.28 0.75 -17.44
CA GLU B 338 13.63 1.31 -17.50
C GLU B 338 14.57 0.50 -18.36
N PHE B 339 14.38 -0.83 -18.44
CA PHE B 339 15.17 -1.62 -19.37
C PHE B 339 14.95 -1.18 -20.80
N VAL B 340 13.69 -0.88 -21.15
CA VAL B 340 13.39 -0.42 -22.51
C VAL B 340 13.97 0.97 -22.75
N LEU B 341 14.07 1.80 -21.70
CA LEU B 341 14.66 3.12 -21.88
C LEU B 341 16.18 3.03 -22.00
N SER B 342 16.79 2.07 -21.32
CA SER B 342 18.25 1.95 -21.34
C SER B 342 18.77 1.72 -22.76
N LYS B 343 18.03 0.94 -23.55
CA LYS B 343 18.61 0.32 -24.74
C LYS B 343 18.61 1.24 -25.96
N GLY B 344 17.72 2.23 -26.03
CA GLY B 344 17.60 3.02 -27.23
C GLY B 344 17.28 2.14 -28.42
N ASP B 345 16.26 1.30 -28.23
CA ASP B 345 15.90 0.22 -29.16
C ASP B 345 14.50 0.52 -29.67
N ALA B 346 14.41 1.26 -30.79
CA ALA B 346 13.15 1.69 -31.36
C ALA B 346 12.14 0.55 -31.44
N GLY B 347 12.62 -0.66 -31.71
CA GLY B 347 11.74 -1.82 -31.71
C GLY B 347 11.17 -2.11 -30.33
N LEU B 348 12.04 -2.20 -29.32
CA LEU B 348 11.58 -2.39 -27.95
C LEU B 348 10.66 -1.24 -27.54
N ARG B 349 11.05 -0.01 -27.88
CA ARG B 349 10.27 1.16 -27.51
C ARG B 349 8.86 1.09 -28.10
N GLU B 350 8.74 0.62 -29.34
CA GLU B 350 7.43 0.53 -29.97
C GLU B 350 6.59 -0.59 -29.36
N ALA B 351 7.22 -1.71 -29.00
CA ALA B 351 6.49 -2.81 -28.37
C ALA B 351 5.96 -2.40 -27.00
N TYR B 352 6.81 -1.76 -26.19
CA TYR B 352 6.36 -1.29 -24.88
C TYR B 352 5.21 -0.30 -25.01
N ASP B 353 5.30 0.60 -26.00
CA ASP B 353 4.20 1.53 -26.24
C ASP B 353 2.92 0.79 -26.63
N ALA B 354 3.06 -0.30 -27.37
CA ALA B 354 1.89 -1.04 -27.85
C ALA B 354 1.02 -1.51 -26.68
N CYS B 355 1.65 -1.98 -25.60
CA CYS B 355 0.90 -2.39 -24.42
C CYS B 355 0.32 -1.19 -23.69
N VAL B 356 1.12 -0.13 -23.51
CA VAL B 356 0.65 1.06 -22.82
C VAL B 356 -0.57 1.63 -23.52
N LYS B 357 -0.55 1.67 -24.86
CA LYS B 357 -1.69 2.20 -25.61
C LYS B 357 -2.90 1.28 -25.51
N ALA B 358 -2.67 -0.03 -25.40
CA ALA B 358 -3.79 -0.94 -25.15
C ALA B 358 -4.44 -0.64 -23.80
N LEU B 359 -3.62 -0.27 -22.81
CA LEU B 359 -4.17 0.15 -21.52
C LEU B 359 -4.88 1.49 -21.63
N VAL B 360 -4.32 2.42 -22.42
CA VAL B 360 -4.93 3.74 -22.55
C VAL B 360 -6.31 3.65 -23.19
N SER B 361 -6.44 2.85 -24.24
CA SER B 361 -7.73 2.73 -24.92
C SER B 361 -8.74 1.93 -24.09
N LEU B 362 -8.26 0.94 -23.32
CA LEU B 362 -9.14 0.25 -22.39
C LEU B 362 -9.74 1.22 -21.38
N ARG B 363 -8.91 2.11 -20.82
CA ARG B 363 -9.38 3.05 -19.81
C ARG B 363 -10.20 4.18 -20.41
N SER B 364 -9.92 4.57 -21.66
CA SER B 364 -10.69 5.64 -22.27
C SER B 364 -12.04 5.12 -22.79
N TYR B 365 -12.06 3.93 -23.40
CA TYR B 365 -13.33 3.32 -23.71
C TYR B 365 -14.10 3.00 -22.44
N HIS B 366 -13.40 2.72 -21.35
CA HIS B 366 -14.07 2.52 -20.06
C HIS B 366 -14.65 3.83 -19.54
N LEU B 367 -14.00 4.95 -19.81
CA LEU B 367 -14.56 6.25 -19.44
C LEU B 367 -15.86 6.53 -20.21
N GLN B 368 -15.94 6.05 -21.45
CA GLN B 368 -17.17 6.20 -22.25
C GLN B 368 -18.32 5.38 -21.70
N ILE B 369 -18.04 4.41 -20.82
CA ILE B 369 -19.07 3.54 -20.29
C ILE B 369 -19.62 4.06 -18.97
N VAL B 370 -18.76 4.66 -18.14
CA VAL B 370 -19.25 5.33 -16.94
C VAL B 370 -20.07 6.55 -17.33
N THR B 371 -19.84 7.10 -18.53
CA THR B 371 -20.67 8.20 -19.02
C THR B 371 -22.08 7.73 -19.34
N LYS B 372 -22.20 6.57 -19.97
CA LYS B 372 -23.51 6.02 -20.31
C LYS B 372 -24.23 5.41 -19.11
N TYR B 373 -23.47 4.88 -18.15
CA TYR B 373 -24.06 4.06 -17.08
C TYR B 373 -24.09 4.74 -15.72
N ILE B 374 -23.49 5.91 -15.55
CA ILE B 374 -23.48 6.55 -14.23
C ILE B 374 -23.84 8.03 -14.31
N LEU B 375 -23.33 8.73 -15.32
CA LEU B 375 -23.48 10.19 -15.34
C LEU B 375 -24.85 10.62 -15.88
N ILE B 376 -25.18 10.19 -17.09
CA ILE B 376 -26.47 10.55 -17.69
C ILE B 376 -27.61 9.86 -16.94
N PRO B 377 -27.46 8.60 -16.48
CA PRO B 377 -28.45 8.09 -15.51
C PRO B 377 -28.62 8.99 -14.29
N ALA B 378 -27.52 9.50 -13.73
CA ALA B 378 -27.62 10.46 -12.64
C ALA B 378 -28.17 11.81 -13.07
N SER B 379 -28.32 12.04 -14.38
CA SER B 379 -28.95 13.24 -14.89
C SER B 379 -30.45 13.09 -15.07
N GLN B 380 -31.04 12.01 -14.55
CA GLN B 380 -32.45 11.72 -14.75
C GLN B 380 -33.11 11.20 -13.48
N GLY B 401 -19.82 12.09 -7.75
CA GLY B 401 -20.31 11.94 -9.10
C GLY B 401 -19.29 12.30 -10.16
N THR B 402 -18.79 13.54 -10.11
CA THR B 402 -17.75 14.00 -11.00
C THR B 402 -16.35 13.86 -10.39
N ASP B 403 -16.25 13.70 -9.07
CA ASP B 403 -15.01 13.23 -8.46
C ASP B 403 -14.68 11.83 -8.94
N LEU B 404 -15.70 11.08 -9.35
CA LEU B 404 -15.53 9.75 -9.91
C LEU B 404 -14.65 9.79 -11.15
N MET B 405 -15.10 10.48 -12.19
CA MET B 405 -14.36 10.56 -13.45
C MET B 405 -13.02 11.28 -13.29
N ASN B 406 -12.89 12.16 -12.30
CA ASN B 406 -11.58 12.73 -12.00
C ASN B 406 -10.58 11.64 -11.64
N PHE B 407 -11.05 10.60 -10.94
CA PHE B 407 -10.19 9.46 -10.62
C PHE B 407 -9.75 8.73 -11.88
N LEU B 408 -10.73 8.38 -12.73
CA LEU B 408 -10.43 7.58 -13.92
C LEU B 408 -9.60 8.36 -14.93
N LYS B 409 -9.86 9.66 -15.08
CA LYS B 409 -9.08 10.46 -16.03
C LYS B 409 -7.65 10.64 -15.55
N THR B 410 -7.46 10.88 -14.24
CA THR B 410 -6.12 10.89 -13.67
C THR B 410 -5.43 9.54 -13.90
N VAL B 411 -6.15 8.45 -13.66
CA VAL B 411 -5.59 7.12 -13.86
C VAL B 411 -5.27 6.89 -15.33
N ARG B 412 -6.16 7.30 -16.23
CA ARG B 412 -5.91 7.13 -17.66
C ARG B 412 -4.77 8.01 -18.13
N SER B 413 -4.63 9.22 -17.59
CA SER B 413 -3.61 10.14 -18.07
C SER B 413 -2.22 9.67 -17.67
N THR B 414 -2.07 9.16 -16.43
CA THR B 414 -0.78 8.59 -16.04
C THR B 414 -0.42 7.40 -16.91
N THR B 415 -1.43 6.68 -17.41
CA THR B 415 -1.17 5.65 -18.41
C THR B 415 -0.66 6.27 -19.71
N GLU B 416 -1.18 7.44 -20.07
CA GLU B 416 -0.73 8.11 -21.29
C GLU B 416 0.66 8.72 -21.10
N LYS B 417 0.91 9.32 -19.94
CA LYS B 417 2.22 9.94 -19.69
C LYS B 417 3.35 8.92 -19.67
N SER B 418 3.01 7.63 -19.57
CA SER B 418 4.02 6.59 -19.53
C SER B 418 4.52 6.19 -20.91
N LEU B 419 3.81 6.58 -21.98
CA LEU B 419 4.28 6.30 -23.33
C LEU B 419 5.66 6.89 -23.54
N LEU B 420 6.45 6.25 -24.40
CA LEU B 420 7.84 6.66 -24.58
C LEU B 420 7.94 7.79 -25.60
N LYS B 421 7.63 7.51 -26.86
CA LYS B 421 7.57 8.56 -27.87
C LYS B 421 6.19 8.62 -28.52
CHA HEM C . 6.37 7.88 16.11
CHB HEM C . 8.00 11.89 18.25
CHC HEM C . 12.45 9.99 18.40
CHD HEM C . 10.84 5.96 16.24
C1A HEM C . 6.44 9.17 16.58
C2A HEM C . 5.42 10.20 16.42
C3A HEM C . 5.88 11.31 17.02
C4A HEM C . 7.19 11.01 17.56
CMA HEM C . 5.17 12.66 17.12
CAA HEM C . 4.06 10.04 15.71
CBA HEM C . 4.24 9.69 14.25
CGA HEM C . 4.41 10.92 13.46
O1A HEM C . 4.96 10.76 12.36
O2A HEM C . 4.05 11.98 13.97
C1B HEM C . 9.34 11.70 18.52
C2B HEM C . 10.18 12.60 19.27
C3B HEM C . 11.41 12.07 19.33
C4B HEM C . 11.37 10.83 18.59
CMB HEM C . 9.67 13.91 19.90
CAB HEM C . 12.71 12.60 19.99
CBB HEM C . 12.93 13.88 20.28
C1C HEM C . 12.41 8.77 17.77
C2C HEM C . 13.58 8.00 17.41
C3C HEM C . 13.16 6.88 16.83
C4C HEM C . 11.70 6.90 16.77
CMC HEM C . 15.04 8.39 17.69
CAC HEM C . 14.14 5.80 16.31
CBC HEM C . 13.74 4.55 16.19
C1D HEM C . 9.49 6.15 15.97
C2D HEM C . 8.63 5.29 15.19
C3D HEM C . 7.40 5.82 15.16
C4D HEM C . 7.44 7.04 15.91
CMD HEM C . 9.03 3.98 14.51
CAD HEM C . 6.17 5.22 14.44
CBD HEM C . 5.28 4.55 15.47
CGD HEM C . 5.78 3.16 15.73
O1D HEM C . 5.82 2.74 16.91
O2D HEM C . 6.18 2.46 14.75
NA HEM C . 7.50 9.70 17.27
NB HEM C . 10.10 10.63 18.11
NC HEM C . 11.29 8.08 17.37
ND HEM C . 8.72 7.22 16.39
FE HEM C . 9.42 8.93 17.16
C4 RCW D . 11.82 11.59 11.92
C5 RCW D . 12.05 10.85 13.05
C6 RCW D . 13.32 10.36 13.32
C7 RCW D . 10.86 10.59 13.97
C10 RCW D . 8.81 10.42 14.66
C1 RCW D . 14.36 10.64 12.44
C2 RCW D . 14.12 11.40 11.30
C3 RCW D . 12.84 11.87 11.04
N11 RCW D . 9.56 10.72 13.59
N13 RCW D . 13.58 9.57 14.51
N8 RCW D . 10.87 10.22 15.22
N9 RCW D . 9.62 10.11 15.65
BR1 RCW D . 12.48 12.92 9.46
C4 RCW E . 11.35 0.85 17.07
C5 RCW E . 10.61 1.89 17.61
C6 RCW E . 9.24 1.94 17.40
C7 RCW E . 11.36 2.96 18.40
C10 RCW E . 12.96 4.05 19.36
C1 RCW E . 8.61 0.94 16.67
C2 RCW E . 9.35 -0.09 16.13
C3 RCW E . 10.73 -0.14 16.34
N11 RCW E . 12.69 2.95 18.63
N13 RCW E . 8.43 3.02 17.95
N8 RCW E . 10.86 4.02 18.97
N9 RCW E . 11.84 4.68 19.56
BR1 RCW E . 11.79 -1.59 15.59
C1 GOL F . -0.10 10.96 12.37
O1 GOL F . -1.38 10.37 12.35
C2 GOL F . -0.06 11.81 13.58
O2 GOL F . -0.33 10.99 14.67
C3 GOL F . 1.31 12.33 13.84
O3 GOL F . 1.15 13.15 14.98
CHA HEM G . -12.99 1.86 -12.22
CHB HEM G . -17.71 2.23 -13.22
CHC HEM G . -17.51 -1.81 -15.86
CHD HEM G . -12.76 -2.23 -14.84
C1A HEM G . -14.30 2.28 -12.20
C2A HEM G . -14.85 3.36 -11.39
C3A HEM G . -16.15 3.44 -11.68
C4A HEM G . -16.47 2.43 -12.67
CMA HEM G . -17.18 4.40 -11.09
CAA HEM G . -14.10 4.24 -10.38
CBA HEM G . -13.60 3.41 -9.21
CGA HEM G . -14.75 3.14 -8.28
O1A HEM G . -14.87 1.99 -7.79
O2A HEM G . -15.56 4.08 -8.04
C1B HEM G . -18.05 1.20 -14.07
C2B HEM G . -19.34 1.04 -14.71
C3B HEM G . -19.29 -0.09 -15.45
C4B HEM G . -17.97 -0.66 -15.27
CMB HEM G . -20.49 2.04 -14.53
CAB HEM G . -20.38 -0.74 -16.34
CBB HEM G . -21.67 -0.37 -16.37
C1C HEM G . -16.23 -2.31 -15.74
C2C HEM G . -15.82 -3.61 -16.17
C3C HEM G . -14.54 -3.76 -15.89
C4C HEM G . -14.04 -2.53 -15.28
CMC HEM G . -16.72 -4.69 -16.82
CAC HEM G . -13.77 -5.05 -16.23
CBC HEM G . -13.01 -5.59 -15.29
C1D HEM G . -12.42 -1.20 -13.97
C2D HEM G . -11.19 -1.07 -13.20
C3D HEM G . -11.27 0.06 -12.49
C4D HEM G . -12.54 0.68 -12.76
CMD HEM G . -10.00 -2.05 -13.21
CAD HEM G . -10.19 0.61 -11.52
CBD HEM G . -9.55 1.85 -12.15
CGD HEM G . -8.59 1.40 -13.22
O1D HEM G . -8.77 1.81 -14.39
O2D HEM G . -7.66 0.62 -12.90
NA HEM G . -15.32 1.75 -12.97
NB HEM G . -17.24 0.15 -14.42
NC HEM G . -15.13 -1.67 -15.21
ND HEM G . -13.21 -0.11 -13.67
FE HEM G . -15.24 -0.04 -13.98
C4 RCW H . -17.35 -4.15 -9.58
C5 RCW H . -17.05 -3.96 -10.92
C6 RCW H . -17.21 -5.00 -11.82
C7 RCW H . -16.56 -2.57 -11.31
C10 RCW H . -15.84 -0.54 -11.16
C1 RCW H . -17.68 -6.23 -11.38
C2 RCW H . -17.96 -6.42 -10.03
C3 RCW H . -17.80 -5.39 -9.14
N11 RCW H . -16.22 -1.61 -10.44
N13 RCW H . -16.92 -4.83 -13.23
N8 RCW H . -16.40 -2.11 -12.52
N9 RCW H . -15.96 -0.86 -12.42
BR1 RCW H . -18.20 -5.62 -7.26
C4 RCW I . -8.54 -2.96 -18.06
C5 RCW I . -9.52 -2.03 -17.74
C6 RCW I . -9.25 -1.00 -16.86
C7 RCW I . -10.89 -2.13 -18.40
C10 RCW I . -12.59 -1.79 -19.68
C1 RCW I . -8.00 -0.91 -16.27
C2 RCW I . -7.03 -1.84 -16.58
C3 RCW I . -7.30 -2.86 -17.47
N11 RCW I . -11.33 -1.37 -19.41
N13 RCW I . -10.28 -0.03 -16.54
N8 RCW I . -11.83 -2.98 -18.07
N9 RCW I . -12.87 -2.77 -18.86
BR1 RCW I . -5.92 -4.17 -17.89
#